data_4KI5
#
_entry.id   4KI5
#
_cell.length_a   54.250
_cell.length_b   71.160
_cell.length_c   277.850
_cell.angle_alpha   90.000
_cell.angle_beta   90.000
_cell.angle_gamma   90.000
#
_symmetry.space_group_name_H-M   'P 2 21 21'
#
loop_
_entity.id
_entity.type
_entity.pdbx_description
1 polymer 'MURINE MONOCLONAL 3E6 FAB HEAVY CHAIN'
2 polymer 'MURINE MONOCLONAL 3E6 FAB LIGHT CHAIN'
3 polymer 'MURINE MONOCLONAL G99 FAB HEAVY CHAIN'
4 polymer 'MURINE MONOCLONAL G99 FAB LIGHT CHAIN'
5 polymer 'Coagulation factor VIII'
6 water water
#
loop_
_entity_poly.entity_id
_entity_poly.type
_entity_poly.pdbx_seq_one_letter_code
_entity_poly.pdbx_strand_id
1 'polypeptide(L)'
;QIQLVQSGPELKKPGKTVKISCKASDYTFTDYSLHWVKQAPGKGLKWMGWINTETGDPAYADDFKGRFAFSLETSVRTAY
LQINNLKNEDTAIYFCAREDDGLASWGQGTTLTVSSAKTTAPSVYPLAPVCGDTTGSSVTLGCLVKGYFPEPVTLTWNSG
SLSSGVHTFPAVLQSDLYTLSSSVTVTSSTWPSQSITCNVAHPASSTKVDKKIEPRGPA
;
C
2 'polypeptide(L)'
;QIVLTQSPAIMSASPGEKVTMTCSASSTVSYMYWYQQKPGSSPRFLISDTSNLASGVPVRFSGSGSGTSYSLTISRIEAE
DAATYYCQHWSSYPLTFGGGTKLELKRADAAPTVSIFPPSSEQLTSGGASVVCFLNNFYPKDINVKWKIDGSERQNGVLN
SWTDQDSKDSTYSMSSTLTLTKDEYERHNSYTCEATHKTSTSPIVKSFNRNEC
;
D
3 'polypeptide(L)'
;QVQLQQSGAELMKPGASVKISCKATGYTFSSYWIEWVKQRPGHGLEWIGEILPGSGSTNYNERFKGKASFTADSSSNTAY
MQLSSLTSEDSAVYYCTRTSYYFGSSYDFDVWGAGTTVTVSSAKTTAPSVYPLAPVCGDTTGSSVTLGCLVKGYFPEPVT
LTWNSGSLSSGVHTFPALLQSDLYTLSSSVTVTSSTWPSQSITCNVAHPASSTKVDKKIEPRGP
;
E
4 'polypeptide(L)'
;DIQMTQSPSSLSASLGERVSLTCRASQEISGYLSWLQQKPDGTIKRLIYAASTLDSSVPKRFSGSRSGSDYSLTISSLDS
EDFAVYYCLQYASYPYTFGGGTKVEIKRADAAPTVSIFPPSSEQLTSGGASVVCFLNNFYPKDINVKWKIDGSERQNGVL
NSWTDQDSKDSTYSMSSTLTLTKDEYERHNSYTCEATHKTSTSPIVKSFNRNEC
;
F
5 'polypeptide(L)'
;MGSSHHHHHHSSGLVPRGSHMLNSCSMPLGMESKAISDAQITASSYFTNMFATWSPSKARLHLQGRSNAWRPQVNNPKEW
LQVDFQKTMKVTGVTTQGVKSLLTSMYVKEFLISSSQDGHQWTLFFQNGKVKVFQGNQDSFTPVVNSLDPPLLTRYLRIH
PQSWVHQIALRMEVLGCEAQDLY
;
M
#
# COMPACT_ATOMS: atom_id res chain seq x y z
N ILE A 2 -1.20 3.25 -29.44
CA ILE A 2 -1.63 4.65 -29.45
C ILE A 2 -0.48 5.59 -29.81
N GLN A 3 -0.57 6.18 -31.00
CA GLN A 3 0.52 6.96 -31.57
C GLN A 3 0.34 8.47 -31.37
N LEU A 4 1.46 9.19 -31.43
CA LEU A 4 1.46 10.65 -31.42
C LEU A 4 2.17 11.16 -32.67
N VAL A 5 1.48 11.98 -33.44
CA VAL A 5 2.04 12.52 -34.68
C VAL A 5 2.17 14.02 -34.60
N GLN A 6 3.40 14.52 -34.69
CA GLN A 6 3.66 15.95 -34.64
C GLN A 6 3.63 16.57 -36.02
N SER A 7 3.56 17.91 -36.06
CA SER A 7 3.53 18.63 -37.32
C SER A 7 4.85 18.52 -38.06
N GLY A 8 4.99 19.29 -39.15
CA GLY A 8 6.21 19.28 -39.94
C GLY A 8 7.19 20.34 -39.50
N PRO A 9 8.42 20.23 -39.96
CA PRO A 9 9.48 21.19 -39.61
C PRO A 9 9.00 22.63 -39.76
N GLU A 10 9.61 23.54 -39.01
CA GLU A 10 9.24 24.95 -39.05
C GLU A 10 10.45 25.86 -39.14
N LEU A 11 10.32 26.89 -39.98
CA LEU A 11 11.30 27.96 -40.05
C LEU A 11 10.62 29.28 -39.73
N LYS A 12 11.10 29.96 -38.71
CA LYS A 12 10.51 31.23 -38.31
C LYS A 12 11.58 32.27 -38.03
N LYS A 13 11.30 33.51 -38.41
CA LYS A 13 12.17 34.63 -38.07
C LYS A 13 12.09 34.90 -36.57
N PRO A 14 13.18 35.40 -35.99
CA PRO A 14 13.15 35.69 -34.55
C PRO A 14 12.12 36.77 -34.20
N GLY A 15 11.56 36.66 -33.01
CA GLY A 15 10.53 37.59 -32.56
C GLY A 15 9.13 37.16 -32.96
N LYS A 16 9.03 36.17 -33.82
CA LYS A 16 7.72 35.73 -34.32
C LYS A 16 7.15 34.61 -33.45
N THR A 17 6.08 33.99 -33.94
CA THR A 17 5.36 32.97 -33.18
C THR A 17 5.27 31.67 -33.96
N VAL A 18 5.45 30.56 -33.26
CA VAL A 18 5.26 29.24 -33.85
C VAL A 18 4.30 28.41 -33.01
N LYS A 19 3.47 27.61 -33.66
CA LYS A 19 2.53 26.74 -32.97
C LYS A 19 2.68 25.31 -33.47
N ILE A 20 3.23 24.45 -32.62
CA ILE A 20 3.48 23.06 -32.98
C ILE A 20 2.35 22.17 -32.50
N SER A 21 1.85 21.31 -33.39
CA SER A 21 0.75 20.42 -33.02
C SER A 21 1.22 19.00 -32.71
N CYS A 22 0.44 18.30 -31.88
CA CYS A 22 0.71 16.92 -31.52
C CYS A 22 -0.61 16.16 -31.48
N LYS A 23 -0.83 15.29 -32.47
CA LYS A 23 -2.12 14.61 -32.62
C LYS A 23 -2.07 13.13 -32.20
N ALA A 24 -3.05 12.71 -31.42
CA ALA A 24 -3.14 11.32 -30.94
C ALA A 24 -3.97 10.45 -31.89
N SER A 25 -3.67 9.15 -31.88
CA SER A 25 -4.30 8.20 -32.80
C SER A 25 -5.71 7.82 -32.37
N ASP A 26 -6.03 8.04 -31.10
CA ASP A 26 -7.35 7.75 -30.59
C ASP A 26 -7.72 8.67 -29.44
N TYR A 27 -8.99 8.62 -29.02
CA TYR A 27 -9.53 9.58 -28.04
C TYR A 27 -9.16 9.27 -26.59
N THR A 28 -8.46 8.17 -26.34
CA THR A 28 -8.07 7.83 -24.96
C THR A 28 -7.02 8.79 -24.42
N PHE A 29 -6.52 9.67 -25.28
CA PHE A 29 -5.45 10.57 -24.89
C PHE A 29 -5.89 11.54 -23.78
N THR A 30 -7.20 11.74 -23.62
CA THR A 30 -7.73 12.56 -22.53
C THR A 30 -7.74 11.84 -21.17
N ASP A 31 -7.27 10.60 -21.16
CA ASP A 31 -7.12 9.85 -19.91
C ASP A 31 -5.67 9.90 -19.44
N TYR A 32 -4.81 10.55 -20.22
CA TYR A 32 -3.39 10.60 -19.92
C TYR A 32 -2.83 12.02 -20.05
N SER A 33 -1.87 12.36 -19.21
CA SER A 33 -1.25 13.68 -19.29
C SER A 33 -0.30 13.77 -20.48
N LEU A 34 -0.01 14.99 -20.91
CA LEU A 34 0.79 15.21 -22.10
C LEU A 34 1.98 16.11 -21.77
N HIS A 35 3.18 15.61 -22.04
CA HIS A 35 4.39 16.37 -21.73
C HIS A 35 5.09 16.91 -22.98
N TRP A 36 5.91 17.95 -22.79
CA TRP A 36 6.69 18.53 -23.86
C TRP A 36 8.17 18.50 -23.47
N VAL A 37 9.02 18.15 -24.43
CA VAL A 37 10.45 18.01 -24.18
C VAL A 37 11.27 18.72 -25.26
N LYS A 38 12.32 19.41 -24.83
CA LYS A 38 13.20 20.10 -25.75
C LYS A 38 14.54 19.38 -25.89
N GLN A 39 14.93 19.10 -27.12
CA GLN A 39 16.26 18.57 -27.37
C GLN A 39 17.03 19.54 -28.24
N ALA A 40 17.87 20.36 -27.60
CA ALA A 40 18.68 21.34 -28.31
C ALA A 40 19.72 20.61 -29.14
N PRO A 41 20.21 21.24 -30.23
CA PRO A 41 21.16 20.56 -31.13
C PRO A 41 22.38 20.00 -30.38
N GLY A 42 22.52 18.68 -30.40
CA GLY A 42 23.63 18.01 -29.74
C GLY A 42 23.44 17.79 -28.25
N LYS A 43 22.32 18.28 -27.72
CA LYS A 43 22.08 18.23 -26.28
C LYS A 43 21.26 17.02 -25.86
N GLY A 44 21.00 16.91 -24.56
CA GLY A 44 20.18 15.84 -24.02
C GLY A 44 18.71 16.20 -24.01
N LEU A 45 17.97 15.63 -23.07
CA LEU A 45 16.53 15.84 -23.00
C LEU A 45 16.19 16.82 -21.89
N LYS A 46 15.35 17.80 -22.22
CA LYS A 46 14.98 18.83 -21.27
C LYS A 46 13.46 19.03 -21.23
N TRP A 47 12.90 18.92 -20.03
CA TRP A 47 11.46 18.99 -19.80
C TRP A 47 10.97 20.43 -19.79
N MET A 48 9.88 20.69 -20.52
CA MET A 48 9.31 22.02 -20.62
C MET A 48 8.09 22.18 -19.72
N GLY A 49 7.47 21.07 -19.37
CA GLY A 49 6.26 21.08 -18.57
C GLY A 49 5.25 20.09 -19.10
N TRP A 50 4.02 20.21 -18.61
CA TRP A 50 2.97 19.30 -19.02
C TRP A 50 1.61 19.97 -19.05
N ILE A 51 0.64 19.25 -19.58
CA ILE A 51 -0.72 19.73 -19.60
C ILE A 51 -1.68 18.58 -19.26
N ASN A 52 -2.65 18.88 -18.39
CA ASN A 52 -3.69 17.93 -18.05
C ASN A 52 -4.69 17.90 -19.20
N THR A 53 -4.88 16.73 -19.80
CA THR A 53 -5.73 16.62 -20.98
C THR A 53 -7.23 16.54 -20.65
N GLU A 54 -7.54 16.22 -19.40
CA GLU A 54 -8.93 16.18 -18.93
C GLU A 54 -9.37 17.55 -18.44
N THR A 55 -8.40 18.36 -18.04
CA THR A 55 -8.65 19.64 -17.40
C THR A 55 -8.30 20.82 -18.31
N GLY A 56 -7.19 20.68 -19.04
CA GLY A 56 -6.69 21.75 -19.88
C GLY A 56 -5.65 22.60 -19.18
N ASP A 57 -5.44 22.35 -17.90
CA ASP A 57 -4.45 23.10 -17.13
C ASP A 57 -3.03 22.75 -17.52
N PRO A 58 -2.26 23.76 -17.93
CA PRO A 58 -0.85 23.55 -18.25
C PRO A 58 0.05 23.89 -17.06
N ALA A 59 1.17 23.20 -16.92
CA ALA A 59 2.18 23.55 -15.92
C ALA A 59 3.53 23.65 -16.62
N TYR A 60 4.30 24.69 -16.30
CA TYR A 60 5.54 24.98 -17.02
C TYR A 60 6.79 24.82 -16.14
N ALA A 61 7.84 24.23 -16.71
CA ALA A 61 9.14 24.18 -16.03
C ALA A 61 9.67 25.60 -15.89
N ASP A 62 10.55 25.82 -14.91
CA ASP A 62 11.01 27.16 -14.57
C ASP A 62 11.56 27.97 -15.75
N ASP A 63 12.38 27.31 -16.56
CA ASP A 63 13.02 27.96 -17.70
C ASP A 63 12.05 28.35 -18.80
N PHE A 64 10.80 27.89 -18.70
CA PHE A 64 9.85 28.06 -19.79
C PHE A 64 8.60 28.79 -19.36
N LYS A 65 8.76 29.68 -18.38
CA LYS A 65 7.65 30.51 -17.94
C LYS A 65 7.75 31.88 -18.59
N GLY A 66 6.84 32.16 -19.51
CA GLY A 66 6.84 33.44 -20.21
C GLY A 66 6.35 33.35 -21.64
N ARG A 67 7.19 32.82 -22.52
CA ARG A 67 6.88 32.82 -23.95
C ARG A 67 6.27 31.50 -24.42
N PHE A 68 5.91 30.64 -23.47
CA PHE A 68 5.47 29.29 -23.81
C PHE A 68 4.05 29.01 -23.34
N ALA A 69 3.29 28.34 -24.21
CA ALA A 69 1.88 28.10 -23.93
C ALA A 69 1.46 26.74 -24.44
N PHE A 70 0.88 25.94 -23.54
CA PHE A 70 0.33 24.65 -23.92
C PHE A 70 -1.18 24.77 -24.01
N SER A 71 -1.75 24.35 -25.14
CA SER A 71 -3.20 24.38 -25.29
C SER A 71 -3.72 23.03 -25.72
N LEU A 72 -4.99 22.98 -26.09
CA LEU A 72 -5.66 21.71 -26.31
C LEU A 72 -6.87 21.87 -27.23
N GLU A 73 -7.07 20.91 -28.12
CA GLU A 73 -8.32 20.81 -28.87
C GLU A 73 -8.78 19.36 -28.88
N THR A 74 -9.63 19.01 -27.91
CA THR A 74 -10.05 17.64 -27.66
C THR A 74 -10.84 17.03 -28.81
N SER A 75 -11.58 17.88 -29.53
CA SER A 75 -12.42 17.43 -30.63
C SER A 75 -11.61 16.79 -31.76
N VAL A 76 -10.35 17.22 -31.90
CA VAL A 76 -9.47 16.66 -32.91
C VAL A 76 -8.25 15.96 -32.30
N ARG A 77 -8.39 15.56 -31.03
CA ARG A 77 -7.37 14.78 -30.32
C ARG A 77 -5.97 15.40 -30.36
N THR A 78 -5.91 16.72 -30.32
CA THR A 78 -4.65 17.41 -30.57
C THR A 78 -4.22 18.34 -29.43
N ALA A 79 -2.94 18.28 -29.09
CA ALA A 79 -2.35 19.22 -28.16
C ALA A 79 -1.45 20.18 -28.94
N TYR A 80 -1.20 21.35 -28.38
CA TYR A 80 -0.41 22.36 -29.07
C TYR A 80 0.66 22.92 -28.17
N LEU A 81 1.75 23.35 -28.79
CA LEU A 81 2.79 24.09 -28.09
C LEU A 81 3.03 25.36 -28.86
N GLN A 82 2.71 26.49 -28.25
CA GLN A 82 2.94 27.78 -28.88
C GLN A 82 4.15 28.46 -28.24
N ILE A 83 5.06 28.97 -29.07
CA ILE A 83 6.20 29.74 -28.59
C ILE A 83 6.18 31.15 -29.18
N ASN A 84 6.03 32.14 -28.31
CA ASN A 84 5.96 33.53 -28.72
C ASN A 84 7.31 34.20 -28.60
N ASN A 85 7.50 35.27 -29.38
CA ASN A 85 8.71 36.07 -29.33
C ASN A 85 9.97 35.21 -29.43
N LEU A 86 10.05 34.45 -30.52
CA LEU A 86 11.10 33.45 -30.72
C LEU A 86 12.52 34.03 -30.66
N LYS A 87 13.40 33.30 -29.97
CA LYS A 87 14.82 33.61 -29.92
C LYS A 87 15.58 32.58 -30.74
N ASN A 88 16.83 32.89 -31.07
CA ASN A 88 17.70 31.93 -31.73
C ASN A 88 17.86 30.66 -30.90
N GLU A 89 17.91 30.83 -29.59
CA GLU A 89 18.06 29.71 -28.66
C GLU A 89 16.87 28.75 -28.65
N ASP A 90 15.79 29.14 -29.33
CA ASP A 90 14.62 28.27 -29.44
C ASP A 90 14.84 27.19 -30.50
N THR A 91 15.90 27.34 -31.28
CA THR A 91 16.23 26.35 -32.31
C THR A 91 16.57 25.01 -31.68
N ALA A 92 15.73 24.01 -31.95
CA ALA A 92 15.86 22.70 -31.34
C ALA A 92 14.82 21.74 -31.93
N ILE A 93 14.79 20.53 -31.40
CA ILE A 93 13.72 19.59 -31.72
C ILE A 93 12.77 19.52 -30.52
N TYR A 94 11.48 19.52 -30.79
CA TYR A 94 10.48 19.48 -29.72
C TYR A 94 9.64 18.22 -29.80
N PHE A 95 9.54 17.54 -28.67
CA PHE A 95 8.81 16.27 -28.58
C PHE A 95 7.59 16.44 -27.69
N CYS A 96 6.51 15.76 -28.05
CA CYS A 96 5.40 15.59 -27.15
C CYS A 96 5.42 14.13 -26.71
N ALA A 97 5.03 13.87 -25.46
CA ALA A 97 5.04 12.51 -24.95
C ALA A 97 3.84 12.24 -24.05
N ARG A 98 3.24 11.06 -24.22
CA ARG A 98 2.08 10.66 -23.41
C ARG A 98 2.53 10.04 -22.10
N GLU A 99 1.91 10.44 -21.01
CA GLU A 99 2.27 9.89 -19.69
C GLU A 99 1.42 8.68 -19.32
N ASP A 100 2.09 7.59 -18.96
CA ASP A 100 1.44 6.37 -18.55
C ASP A 100 2.42 5.50 -17.77
N ASP A 101 2.57 5.81 -16.48
CA ASP A 101 3.61 5.22 -15.65
C ASP A 101 4.95 5.40 -16.36
N GLY A 102 5.23 6.64 -16.75
CA GLY A 102 6.40 6.96 -17.56
C GLY A 102 5.97 7.58 -18.88
N LEU A 103 6.92 8.16 -19.62
CA LEU A 103 6.62 8.69 -20.93
C LEU A 103 6.58 7.52 -21.91
N ALA A 104 5.39 7.00 -22.16
CA ALA A 104 5.28 5.72 -22.89
C ALA A 104 5.10 5.85 -24.39
N SER A 105 4.66 7.01 -24.84
CA SER A 105 4.51 7.26 -26.27
C SER A 105 5.17 8.59 -26.58
N TRP A 106 5.95 8.62 -27.65
CA TRP A 106 6.64 9.85 -28.06
C TRP A 106 6.29 10.18 -29.51
N GLY A 107 6.06 11.46 -29.77
CA GLY A 107 5.90 11.93 -31.14
C GLY A 107 7.22 11.82 -31.87
N GLN A 108 7.21 12.00 -33.19
CA GLN A 108 8.45 11.83 -33.96
C GLN A 108 9.36 13.03 -33.80
N GLY A 109 8.83 14.10 -33.22
CA GLY A 109 9.59 15.32 -33.01
C GLY A 109 9.34 16.38 -34.06
N THR A 110 9.53 17.64 -33.67
CA THR A 110 9.38 18.76 -34.60
C THR A 110 10.63 19.63 -34.59
N THR A 111 11.24 19.78 -35.77
CA THR A 111 12.46 20.57 -35.88
C THR A 111 12.15 22.05 -36.09
N LEU A 112 12.48 22.86 -35.09
CA LEU A 112 12.28 24.30 -35.19
C LEU A 112 13.59 25.03 -35.42
N THR A 113 13.61 25.86 -36.46
CA THR A 113 14.76 26.70 -36.76
C THR A 113 14.36 28.16 -36.67
N VAL A 114 15.07 28.92 -35.84
CA VAL A 114 14.82 30.35 -35.74
C VAL A 114 15.98 31.12 -36.37
N SER A 115 15.72 31.69 -37.54
CA SER A 115 16.74 32.43 -38.26
C SER A 115 16.06 33.49 -39.12
N SER A 116 16.81 34.52 -39.46
CA SER A 116 16.33 35.53 -40.34
C SER A 116 16.54 35.12 -41.78
N ALA A 117 17.31 34.08 -41.99
CA ALA A 117 17.71 33.61 -43.32
C ALA A 117 16.60 33.01 -44.14
N LYS A 118 16.75 33.09 -45.43
CA LYS A 118 15.73 32.67 -46.36
C LYS A 118 15.88 31.22 -46.72
N THR A 119 14.84 30.64 -47.25
CA THR A 119 14.88 29.22 -47.59
C THR A 119 15.62 28.99 -48.89
N THR A 120 16.56 28.04 -48.87
CA THR A 120 17.21 27.60 -50.10
C THR A 120 16.94 26.11 -50.31
N ALA A 121 16.34 25.78 -51.43
CA ALA A 121 16.10 24.39 -51.80
C ALA A 121 17.43 23.76 -52.22
N PRO A 122 17.58 22.44 -52.00
CA PRO A 122 18.86 21.78 -52.27
C PRO A 122 19.08 21.41 -53.74
N SER A 123 20.35 21.41 -54.16
CA SER A 123 20.72 20.78 -55.42
C SER A 123 20.86 19.29 -55.13
N VAL A 124 20.48 18.46 -56.08
CA VAL A 124 20.57 17.02 -55.90
C VAL A 124 21.34 16.38 -57.06
N TYR A 125 22.50 15.82 -56.75
CA TYR A 125 23.34 15.21 -57.77
C TYR A 125 23.52 13.73 -57.51
N PRO A 126 23.50 12.93 -58.58
CA PRO A 126 23.72 11.48 -58.50
C PRO A 126 25.20 11.15 -58.37
N LEU A 127 25.52 10.10 -57.62
CA LEU A 127 26.90 9.64 -57.50
C LEU A 127 27.03 8.21 -57.98
N ALA A 128 27.78 8.03 -59.07
CA ALA A 128 27.99 6.72 -59.67
C ALA A 128 29.44 6.57 -60.06
N PRO A 129 29.99 5.35 -59.93
CA PRO A 129 31.38 5.13 -60.34
C PRO A 129 31.49 5.43 -61.83
N VAL A 130 32.62 6.01 -62.25
CA VAL A 130 32.80 6.36 -63.65
C VAL A 130 32.61 5.12 -64.50
N CYS A 131 31.83 5.26 -65.57
CA CYS A 131 31.55 4.14 -66.46
C CYS A 131 31.03 2.92 -65.72
N GLY A 132 30.39 3.15 -64.57
CA GLY A 132 29.84 2.05 -63.80
C GLY A 132 30.85 0.98 -63.46
N ASP A 133 32.13 1.38 -63.35
CA ASP A 133 33.18 0.43 -62.96
C ASP A 133 32.82 -0.25 -61.65
N THR A 134 32.87 -1.58 -61.64
CA THR A 134 32.44 -2.35 -60.49
C THR A 134 33.53 -2.47 -59.43
N THR A 135 33.12 -2.73 -58.20
CA THR A 135 34.03 -2.98 -57.10
C THR A 135 33.84 -4.42 -56.64
N GLY A 136 34.31 -5.35 -57.46
CA GLY A 136 34.11 -6.77 -57.20
C GLY A 136 32.66 -7.19 -57.39
N SER A 137 32.10 -7.87 -56.39
CA SER A 137 30.73 -8.36 -56.46
C SER A 137 29.74 -7.29 -56.06
N SER A 138 30.24 -6.12 -55.66
CA SER A 138 29.37 -5.05 -55.20
C SER A 138 29.62 -3.75 -55.96
N VAL A 139 28.80 -2.76 -55.65
CA VAL A 139 28.94 -1.43 -56.23
C VAL A 139 28.37 -0.42 -55.25
N THR A 140 29.10 0.65 -55.02
CA THR A 140 28.57 1.70 -54.16
C THR A 140 28.07 2.87 -54.99
N LEU A 141 26.83 3.28 -54.71
CA LEU A 141 26.25 4.43 -55.37
C LEU A 141 26.15 5.53 -54.32
N GLY A 142 25.60 6.67 -54.70
CA GLY A 142 25.46 7.76 -53.77
C GLY A 142 24.60 8.90 -54.26
N CYS A 143 24.34 9.83 -53.34
CA CYS A 143 23.47 10.95 -53.60
C CYS A 143 24.01 12.15 -52.85
N LEU A 144 24.18 13.27 -53.55
CA LEU A 144 24.70 14.49 -52.93
C LEU A 144 23.62 15.58 -52.88
N VAL A 145 23.32 16.05 -51.68
CA VAL A 145 22.31 17.07 -51.46
C VAL A 145 23.01 18.34 -50.99
N LYS A 146 23.14 19.32 -51.88
CA LYS A 146 24.05 20.44 -51.65
C LYS A 146 23.37 21.81 -51.66
N GLY A 147 23.69 22.62 -50.66
CA GLY A 147 23.27 24.01 -50.62
C GLY A 147 21.82 24.25 -50.22
N TYR A 148 21.42 23.77 -49.05
CA TYR A 148 20.06 23.97 -48.59
C TYR A 148 19.99 24.58 -47.19
N PHE A 149 18.84 25.21 -46.91
CA PHE A 149 18.55 25.78 -45.60
C PHE A 149 17.05 26.00 -45.49
N PRO A 150 16.44 25.66 -44.34
CA PRO A 150 17.12 25.09 -43.17
C PRO A 150 17.08 23.57 -43.18
N GLU A 151 17.42 22.99 -42.04
CA GLU A 151 17.21 21.57 -41.79
C GLU A 151 15.74 21.36 -41.44
N PRO A 152 15.24 20.14 -41.68
CA PRO A 152 15.99 19.01 -42.22
C PRO A 152 15.63 18.70 -43.67
N VAL A 153 16.36 17.75 -44.23
CA VAL A 153 15.97 17.10 -45.47
C VAL A 153 15.72 15.65 -45.11
N THR A 154 14.84 14.99 -45.85
CA THR A 154 14.70 13.56 -45.68
C THR A 154 15.18 12.87 -46.94
N LEU A 155 15.99 11.83 -46.78
CA LEU A 155 16.54 11.11 -47.90
C LEU A 155 16.27 9.61 -47.78
N THR A 156 15.69 9.03 -48.83
CA THR A 156 15.48 7.59 -48.88
C THR A 156 15.99 7.00 -50.18
N TRP A 157 16.17 5.69 -50.20
CA TRP A 157 16.55 4.98 -51.41
C TRP A 157 15.41 4.08 -51.84
N ASN A 158 14.96 4.25 -53.08
CA ASN A 158 13.85 3.49 -53.61
C ASN A 158 12.65 3.55 -52.69
N SER A 159 12.28 4.78 -52.33
CA SER A 159 11.13 5.05 -51.48
C SER A 159 11.19 4.32 -50.14
N GLY A 160 12.40 4.16 -49.62
CA GLY A 160 12.59 3.58 -48.30
C GLY A 160 12.63 2.07 -48.29
N SER A 161 12.54 1.45 -49.46
CA SER A 161 12.58 -0.01 -49.56
C SER A 161 14.00 -0.53 -49.56
N LEU A 162 14.96 0.38 -49.74
CA LEU A 162 16.36 0.04 -49.67
C LEU A 162 16.94 0.70 -48.44
N SER A 163 17.22 -0.11 -47.42
CA SER A 163 17.61 0.38 -46.10
C SER A 163 18.92 -0.26 -45.67
N SER A 164 19.09 -1.53 -46.02
CA SER A 164 20.33 -2.23 -45.73
C SER A 164 21.45 -1.63 -46.56
N GLY A 165 22.63 -1.54 -45.97
CA GLY A 165 23.80 -1.04 -46.68
C GLY A 165 23.70 0.43 -47.04
N VAL A 166 22.95 1.18 -46.24
CA VAL A 166 22.81 2.61 -46.49
C VAL A 166 23.51 3.43 -45.40
N HIS A 167 24.29 4.41 -45.82
CA HIS A 167 24.91 5.35 -44.90
C HIS A 167 24.49 6.75 -45.27
N THR A 168 23.75 7.40 -44.38
CA THR A 168 23.36 8.79 -44.61
C THR A 168 24.11 9.67 -43.64
N PHE A 169 24.91 10.58 -44.18
CA PHE A 169 25.82 11.37 -43.38
C PHE A 169 25.17 12.65 -42.88
N PRO A 170 25.46 13.02 -41.63
CA PRO A 170 24.93 14.24 -41.02
C PRO A 170 25.33 15.44 -41.86
N ALA A 171 24.44 16.42 -41.98
CA ALA A 171 24.73 17.60 -42.80
C ALA A 171 25.82 18.45 -42.16
N VAL A 172 26.55 19.18 -43.00
CA VAL A 172 27.62 20.06 -42.56
C VAL A 172 27.40 21.42 -43.22
N LEU A 173 27.78 22.49 -42.53
CA LEU A 173 27.68 23.85 -43.08
C LEU A 173 28.74 24.15 -44.14
N GLN A 174 28.31 24.60 -45.31
CA GLN A 174 29.25 24.80 -46.41
C GLN A 174 29.00 26.06 -47.24
N SER A 175 29.10 27.23 -46.62
CA SER A 175 29.50 27.41 -45.23
C SER A 175 28.50 28.35 -44.57
N ASP A 176 27.43 28.63 -45.29
CA ASP A 176 26.25 29.29 -44.82
C ASP A 176 25.08 28.39 -45.12
N LEU A 177 25.34 27.38 -45.92
CA LEU A 177 24.28 26.46 -46.28
C LEU A 177 24.65 25.06 -45.83
N TYR A 178 23.71 24.16 -45.91
CA TYR A 178 23.96 22.79 -45.52
C TYR A 178 24.22 21.90 -46.73
N THR A 179 25.11 20.92 -46.55
CA THR A 179 25.36 19.91 -47.55
C THR A 179 25.28 18.53 -46.91
N LEU A 180 24.68 17.58 -47.61
CA LEU A 180 24.49 16.23 -47.11
C LEU A 180 24.80 15.22 -48.21
N SER A 181 25.14 14.00 -47.82
CA SER A 181 25.35 12.93 -48.79
C SER A 181 24.91 11.60 -48.21
N SER A 182 24.56 10.67 -49.09
CA SER A 182 24.18 9.33 -48.68
C SER A 182 24.86 8.33 -49.58
N SER A 183 25.20 7.16 -49.04
CA SER A 183 25.74 6.09 -49.86
C SER A 183 24.86 4.86 -49.74
N VAL A 184 24.78 4.10 -50.83
CA VAL A 184 24.09 2.82 -50.80
C VAL A 184 24.95 1.79 -51.53
N THR A 185 25.08 0.61 -50.94
CA THR A 185 25.89 -0.45 -51.52
C THR A 185 25.02 -1.66 -51.85
N VAL A 186 25.03 -2.05 -53.11
CA VAL A 186 24.26 -3.21 -53.55
C VAL A 186 25.15 -4.12 -54.39
N THR A 187 24.62 -5.28 -54.77
CA THR A 187 25.37 -6.21 -55.59
C THR A 187 25.52 -5.66 -57.01
N SER A 188 26.61 -6.01 -57.67
CA SER A 188 26.90 -5.50 -59.00
C SER A 188 25.94 -6.05 -60.06
N SER A 189 25.20 -7.09 -59.69
CA SER A 189 24.24 -7.70 -60.60
C SER A 189 22.88 -7.01 -60.55
N THR A 190 22.64 -6.26 -59.49
CA THR A 190 21.37 -5.55 -59.31
C THR A 190 21.42 -4.15 -59.88
N TRP A 191 22.60 -3.74 -60.36
CA TRP A 191 22.76 -2.40 -60.92
C TRP A 191 23.86 -2.41 -61.98
N PRO A 192 23.62 -1.74 -63.12
CA PRO A 192 22.44 -0.94 -63.42
C PRO A 192 21.25 -1.74 -63.95
N SER A 193 21.30 -3.06 -63.81
CA SER A 193 20.23 -3.93 -64.29
C SER A 193 18.88 -3.53 -63.71
N GLN A 194 18.86 -3.31 -62.39
CA GLN A 194 17.68 -2.79 -61.71
C GLN A 194 17.91 -1.32 -61.41
N SER A 195 16.85 -0.61 -61.08
CA SER A 195 16.82 0.82 -60.87
C SER A 195 17.12 1.24 -59.44
N ILE A 196 17.93 2.27 -59.25
CA ILE A 196 18.21 2.80 -57.93
C ILE A 196 18.10 4.31 -57.89
N THR A 197 17.19 4.79 -57.06
CA THR A 197 16.84 6.21 -57.02
C THR A 197 16.89 6.73 -55.60
N CYS A 198 17.47 7.90 -55.39
CA CYS A 198 17.39 8.54 -54.09
C CYS A 198 16.28 9.58 -54.07
N ASN A 199 15.62 9.70 -52.93
CA ASN A 199 14.47 10.58 -52.80
C ASN A 199 14.77 11.67 -51.81
N VAL A 200 14.78 12.91 -52.27
CA VAL A 200 15.13 14.02 -51.42
C VAL A 200 13.95 14.96 -51.19
N ALA A 201 13.53 15.07 -49.94
CA ALA A 201 12.45 15.98 -49.60
C ALA A 201 12.98 17.10 -48.73
N HIS A 202 12.65 18.34 -49.09
CA HIS A 202 12.98 19.50 -48.28
C HIS A 202 11.70 20.29 -48.05
N PRO A 203 11.01 20.02 -46.91
CA PRO A 203 9.71 20.61 -46.55
C PRO A 203 9.69 22.13 -46.65
N ALA A 204 10.69 22.79 -46.07
CA ALA A 204 10.72 24.25 -46.02
C ALA A 204 10.63 24.91 -47.40
N SER A 205 11.04 24.19 -48.44
CA SER A 205 10.98 24.71 -49.79
C SER A 205 9.97 23.94 -50.62
N SER A 206 9.26 23.01 -49.97
CA SER A 206 8.34 22.12 -50.66
C SER A 206 9.01 21.45 -51.85
N THR A 207 10.19 20.91 -51.59
CA THR A 207 10.98 20.23 -52.62
C THR A 207 10.85 18.73 -52.47
N LYS A 208 10.59 18.05 -53.58
CA LYS A 208 10.66 16.59 -53.64
C LYS A 208 11.34 16.22 -54.94
N VAL A 209 12.54 15.65 -54.85
CA VAL A 209 13.28 15.27 -56.04
C VAL A 209 13.61 13.78 -56.04
N ASP A 210 13.37 13.14 -57.19
CA ASP A 210 13.75 11.76 -57.39
C ASP A 210 14.92 11.71 -58.36
N LYS A 211 16.04 11.15 -57.94
CA LYS A 211 17.20 11.09 -58.82
C LYS A 211 17.64 9.66 -59.09
N LYS A 212 17.37 9.18 -60.29
CA LYS A 212 17.81 7.85 -60.70
C LYS A 212 19.32 7.86 -60.93
N ILE A 213 20.01 6.92 -60.30
CA ILE A 213 21.46 6.79 -60.50
C ILE A 213 21.72 5.96 -61.75
N GLU A 214 22.49 6.52 -62.68
CA GLU A 214 22.80 5.84 -63.93
C GLU A 214 24.28 5.98 -64.29
N PRO A 215 24.86 4.95 -64.91
CA PRO A 215 26.27 5.00 -65.29
C PRO A 215 26.51 6.03 -66.39
N ARG A 216 27.63 6.72 -66.32
CA ARG A 216 28.01 7.74 -67.26
C ARG A 216 29.45 7.63 -67.70
N GLY A 217 29.71 7.89 -68.97
CA GLY A 217 31.07 7.97 -69.47
C GLY A 217 31.89 8.88 -68.60
N PRO A 218 33.15 9.02 -68.90
CA PRO A 218 34.02 9.82 -68.04
C PRO A 218 33.80 11.31 -68.25
N ALA A 219 33.89 12.07 -67.18
CA ALA A 219 33.55 13.49 -67.18
C ALA A 219 34.70 14.35 -66.68
N GLN B 1 12.28 19.03 -5.97
CA GLN B 1 13.59 19.39 -6.48
C GLN B 1 14.57 18.22 -6.37
N ILE B 2 14.61 17.39 -7.41
CA ILE B 2 15.51 16.23 -7.43
C ILE B 2 16.34 16.11 -8.72
N VAL B 3 17.65 15.90 -8.54
CA VAL B 3 18.58 15.85 -9.68
C VAL B 3 19.09 14.42 -9.94
N LEU B 4 19.20 14.07 -11.22
CA LEU B 4 19.65 12.73 -11.61
C LEU B 4 21.06 12.73 -12.21
N THR B 5 21.91 11.86 -11.69
CA THR B 5 23.29 11.75 -12.20
C THR B 5 23.60 10.38 -12.79
N GLN B 6 23.91 10.36 -14.08
CA GLN B 6 24.33 9.13 -14.75
C GLN B 6 25.84 9.16 -14.95
N SER B 7 26.52 8.10 -14.54
CA SER B 7 27.97 8.00 -14.69
C SER B 7 28.40 6.57 -15.02
N PRO B 8 29.39 6.43 -15.92
CA PRO B 8 30.04 7.54 -16.64
C PRO B 8 29.18 8.03 -17.81
N ALA B 9 29.59 9.14 -18.40
CA ALA B 9 28.87 9.70 -19.53
C ALA B 9 28.96 8.78 -20.73
N ILE B 10 30.13 8.19 -20.93
CA ILE B 10 30.37 7.28 -22.04
C ILE B 10 30.93 5.97 -21.52
N MET B 11 30.42 4.85 -22.04
CA MET B 11 30.82 3.53 -21.57
C MET B 11 31.04 2.58 -22.74
N SER B 12 32.21 1.94 -22.77
CA SER B 12 32.58 1.05 -23.87
C SER B 12 32.35 -0.41 -23.50
N ALA B 13 32.06 -1.24 -24.51
CA ALA B 13 31.76 -2.65 -24.25
C ALA B 13 31.81 -3.51 -25.51
N SER B 14 32.24 -4.75 -25.35
CA SER B 14 32.27 -5.72 -26.44
C SER B 14 30.93 -6.43 -26.52
N PRO B 15 30.54 -6.89 -27.71
CA PRO B 15 29.26 -7.59 -27.84
C PRO B 15 29.26 -8.87 -27.02
N GLY B 16 28.12 -9.19 -26.42
CA GLY B 16 28.00 -10.37 -25.60
C GLY B 16 28.23 -10.07 -24.13
N GLU B 17 28.81 -8.92 -23.83
CA GLU B 17 29.08 -8.54 -22.44
C GLU B 17 27.82 -8.12 -21.69
N LYS B 18 27.94 -7.99 -20.37
CA LYS B 18 26.88 -7.53 -19.51
C LYS B 18 27.25 -6.14 -19.03
N VAL B 19 26.40 -5.15 -19.31
CA VAL B 19 26.70 -3.78 -18.92
C VAL B 19 25.66 -3.20 -17.97
N THR B 20 26.14 -2.42 -17.01
CA THR B 20 25.25 -1.81 -16.03
C THR B 20 25.46 -0.31 -15.98
N MET B 21 24.39 0.42 -16.24
CA MET B 21 24.43 1.87 -16.21
C MET B 21 23.71 2.35 -14.97
N THR B 22 24.32 3.28 -14.26
CA THR B 22 23.78 3.72 -12.98
C THR B 22 23.18 5.12 -13.05
N CYS B 23 22.20 5.35 -12.18
CA CYS B 23 21.51 6.63 -12.09
C CYS B 23 21.26 6.90 -10.61
N SER B 24 21.94 7.89 -10.05
CA SER B 24 21.74 8.23 -8.65
C SER B 24 20.95 9.52 -8.47
N ALA B 25 19.98 9.49 -7.56
CA ALA B 25 19.12 10.63 -7.32
C ALA B 25 19.57 11.40 -6.09
N SER B 26 19.47 12.73 -6.16
CA SER B 26 19.84 13.58 -5.05
C SER B 26 18.91 13.36 -3.87
N SER B 27 17.74 12.78 -4.15
CA SER B 27 16.71 12.57 -3.15
C SER B 27 15.86 11.35 -3.55
N THR B 28 15.17 10.75 -2.58
CA THR B 28 14.32 9.59 -2.82
C THR B 28 13.29 9.81 -3.94
N VAL B 29 13.16 8.84 -4.84
CA VAL B 29 12.09 8.86 -5.83
C VAL B 29 11.30 7.55 -5.74
N SER B 30 10.07 7.57 -6.27
CA SER B 30 9.21 6.39 -6.19
C SER B 30 9.63 5.35 -7.22
N TYR B 31 9.77 5.80 -8.46
CA TYR B 31 10.13 4.93 -9.57
C TYR B 31 11.12 5.63 -10.50
N MET B 32 12.00 4.85 -11.10
CA MET B 32 12.89 5.38 -12.13
C MET B 32 12.44 4.87 -13.50
N TYR B 33 12.53 5.74 -14.50
CA TYR B 33 12.17 5.36 -15.85
C TYR B 33 13.40 5.44 -16.77
N TRP B 34 13.45 4.60 -17.80
CA TRP B 34 14.60 4.58 -18.69
C TRP B 34 14.20 4.70 -20.15
N TYR B 35 15.06 5.35 -20.93
CA TYR B 35 14.80 5.56 -22.34
C TYR B 35 16.03 5.28 -23.18
N GLN B 36 15.80 4.90 -24.43
CA GLN B 36 16.88 4.72 -25.38
C GLN B 36 16.71 5.71 -26.53
N GLN B 37 17.79 6.39 -26.90
CA GLN B 37 17.75 7.28 -28.07
C GLN B 37 18.94 7.06 -28.97
N LYS B 38 18.66 6.90 -30.25
CA LYS B 38 19.68 6.81 -31.27
C LYS B 38 19.64 8.09 -32.08
N PRO B 39 20.75 8.43 -32.77
CA PRO B 39 20.77 9.64 -33.59
C PRO B 39 19.63 9.67 -34.60
N GLY B 40 18.96 10.81 -34.69
CA GLY B 40 17.89 11.00 -35.65
C GLY B 40 16.58 10.35 -35.27
N SER B 41 16.49 9.81 -34.05
CA SER B 41 15.27 9.14 -33.61
C SER B 41 14.66 9.76 -32.36
N SER B 42 13.38 9.49 -32.15
CA SER B 42 12.70 9.85 -30.92
C SER B 42 13.15 8.90 -29.83
N PRO B 43 13.11 9.36 -28.57
CA PRO B 43 13.42 8.46 -27.46
C PRO B 43 12.48 7.25 -27.48
N ARG B 44 12.98 6.13 -26.98
CA ARG B 44 12.19 4.91 -26.93
C ARG B 44 12.05 4.47 -25.47
N PHE B 45 10.81 4.24 -25.04
CA PHE B 45 10.53 3.84 -23.66
C PHE B 45 11.07 2.45 -23.37
N LEU B 46 11.96 2.33 -22.39
CA LEU B 46 12.53 1.03 -22.04
C LEU B 46 11.94 0.42 -20.77
N ILE B 47 12.01 1.18 -19.68
CA ILE B 47 11.64 0.64 -18.38
C ILE B 47 10.61 1.53 -17.70
N SER B 48 9.47 0.94 -17.36
CA SER B 48 8.46 1.61 -16.56
C SER B 48 8.59 1.20 -15.11
N ASP B 49 8.43 2.16 -14.21
CA ASP B 49 8.45 1.89 -12.77
C ASP B 49 9.62 1.03 -12.32
N THR B 50 10.83 1.51 -12.58
CA THR B 50 12.07 0.92 -12.08
C THR B 50 12.45 -0.43 -12.70
N SER B 51 11.49 -1.35 -12.80
CA SER B 51 11.84 -2.70 -13.25
C SER B 51 10.87 -3.34 -14.25
N ASN B 52 9.79 -2.65 -14.61
CA ASN B 52 8.89 -3.19 -15.64
C ASN B 52 9.38 -2.92 -17.06
N LEU B 53 9.35 -3.97 -17.88
CA LEU B 53 9.74 -3.85 -19.28
C LEU B 53 8.62 -3.16 -20.06
N ALA B 54 8.99 -2.17 -20.86
CA ALA B 54 8.02 -1.49 -21.71
C ALA B 54 7.68 -2.37 -22.91
N SER B 55 6.61 -2.00 -23.61
CA SER B 55 6.15 -2.75 -24.77
C SER B 55 7.23 -2.90 -25.85
N GLY B 56 7.54 -4.14 -26.21
CA GLY B 56 8.46 -4.42 -27.30
C GLY B 56 9.92 -4.46 -26.91
N VAL B 57 10.20 -4.24 -25.63
CA VAL B 57 11.58 -4.24 -25.16
C VAL B 57 12.08 -5.67 -24.95
N PRO B 58 13.24 -5.99 -25.56
CA PRO B 58 13.87 -7.31 -25.42
C PRO B 58 14.22 -7.63 -23.98
N VAL B 59 14.17 -8.92 -23.63
CA VAL B 59 14.31 -9.35 -22.25
C VAL B 59 15.72 -9.17 -21.68
N ARG B 60 16.70 -8.95 -22.56
CA ARG B 60 18.06 -8.72 -22.10
C ARG B 60 18.17 -7.41 -21.33
N PHE B 61 17.17 -6.54 -21.48
CA PHE B 61 17.09 -5.30 -20.72
C PHE B 61 16.41 -5.56 -19.38
N SER B 62 16.97 -4.98 -18.32
CA SER B 62 16.35 -5.04 -17.00
C SER B 62 16.69 -3.80 -16.18
N GLY B 63 15.76 -3.39 -15.33
CA GLY B 63 15.99 -2.27 -14.45
C GLY B 63 15.92 -2.70 -13.00
N SER B 64 16.61 -1.98 -12.13
CA SER B 64 16.60 -2.28 -10.72
C SER B 64 16.91 -1.04 -9.89
N GLY B 65 16.72 -1.15 -8.58
CA GLY B 65 17.07 -0.06 -7.68
C GLY B 65 15.96 0.34 -6.73
N SER B 66 16.33 1.22 -5.79
CA SER B 66 15.40 1.75 -4.80
C SER B 66 16.06 2.94 -4.12
N GLY B 67 15.25 3.78 -3.49
CA GLY B 67 15.75 4.95 -2.80
C GLY B 67 16.35 5.96 -3.77
N THR B 68 17.67 6.08 -3.74
CA THR B 68 18.37 7.04 -4.59
C THR B 68 19.28 6.35 -5.62
N SER B 69 19.33 5.02 -5.58
CA SER B 69 20.21 4.28 -6.47
C SER B 69 19.45 3.34 -7.42
N TYR B 70 19.66 3.54 -8.72
CA TYR B 70 18.95 2.78 -9.74
C TYR B 70 19.89 2.44 -10.87
N SER B 71 19.61 1.32 -11.55
CA SER B 71 20.48 0.90 -12.62
C SER B 71 19.69 0.29 -13.77
N LEU B 72 20.28 0.38 -14.97
CA LEU B 72 19.77 -0.32 -16.13
C LEU B 72 20.84 -1.29 -16.59
N THR B 73 20.45 -2.53 -16.82
CA THR B 73 21.39 -3.57 -17.20
C THR B 73 20.97 -4.25 -18.50
N ILE B 74 21.94 -4.45 -19.40
CA ILE B 74 21.75 -5.27 -20.58
C ILE B 74 22.57 -6.54 -20.40
N SER B 75 21.89 -7.68 -20.39
CA SER B 75 22.53 -8.95 -20.08
C SER B 75 23.61 -9.33 -21.09
N ARG B 76 23.22 -9.36 -22.36
CA ARG B 76 24.14 -9.65 -23.45
C ARG B 76 24.06 -8.55 -24.51
N ILE B 77 25.09 -7.74 -24.61
CA ILE B 77 25.09 -6.60 -25.54
C ILE B 77 24.98 -7.02 -27.00
N GLU B 78 24.04 -6.41 -27.70
CA GLU B 78 23.90 -6.57 -29.14
C GLU B 78 24.38 -5.28 -29.82
N ALA B 79 24.73 -5.36 -31.10
CA ALA B 79 25.25 -4.21 -31.81
C ALA B 79 24.20 -3.11 -31.91
N GLU B 80 22.94 -3.49 -31.90
CA GLU B 80 21.84 -2.54 -31.98
C GLU B 80 21.60 -1.79 -30.66
N ASP B 81 22.41 -2.10 -29.66
CA ASP B 81 22.26 -1.47 -28.36
C ASP B 81 23.15 -0.24 -28.21
N ALA B 82 23.92 0.05 -29.28
CA ALA B 82 24.71 1.27 -29.32
C ALA B 82 23.75 2.44 -29.41
N ALA B 83 23.75 3.27 -28.37
CA ALA B 83 22.72 4.30 -28.20
C ALA B 83 23.03 5.13 -26.97
N THR B 84 22.20 6.14 -26.73
CA THR B 84 22.29 6.92 -25.50
C THR B 84 21.13 6.53 -24.59
N TYR B 85 21.45 6.27 -23.33
CA TYR B 85 20.44 5.86 -22.37
C TYR B 85 20.21 6.91 -21.31
N TYR B 86 18.94 7.24 -21.09
CA TYR B 86 18.55 8.27 -20.13
C TYR B 86 17.71 7.67 -19.03
N CYS B 87 17.97 8.08 -17.79
CA CYS B 87 17.06 7.78 -16.69
C CYS B 87 16.17 8.99 -16.46
N GLN B 88 15.07 8.78 -15.74
CA GLN B 88 14.11 9.85 -15.50
C GLN B 88 13.19 9.56 -14.30
N HIS B 89 12.89 10.60 -13.52
CA HIS B 89 11.97 10.50 -12.40
C HIS B 89 10.84 11.51 -12.58
N TRP B 90 9.75 11.28 -11.85
CA TRP B 90 8.62 12.20 -11.84
C TRP B 90 7.96 12.17 -10.45
N SER B 91 8.80 12.27 -9.43
CA SER B 91 8.35 12.17 -8.04
C SER B 91 8.13 13.56 -7.45
N SER B 92 8.68 14.57 -8.10
CA SER B 92 8.51 15.95 -7.66
C SER B 92 8.77 16.92 -8.80
N TYR B 93 8.37 18.18 -8.59
CA TYR B 93 8.61 19.23 -9.55
C TYR B 93 10.07 19.70 -9.48
N PRO B 94 10.75 19.76 -10.63
CA PRO B 94 10.24 19.40 -11.96
C PRO B 94 10.61 17.98 -12.38
N LEU B 95 9.86 17.44 -13.32
CA LEU B 95 10.21 16.18 -13.97
C LEU B 95 11.61 16.33 -14.57
N THR B 96 12.46 15.34 -14.35
CA THR B 96 13.88 15.48 -14.67
C THR B 96 14.47 14.27 -15.38
N PHE B 97 15.33 14.53 -16.36
CA PHE B 97 16.09 13.48 -17.02
C PHE B 97 17.52 13.47 -16.51
N GLY B 98 18.12 12.28 -16.44
CA GLY B 98 19.55 12.18 -16.21
C GLY B 98 20.28 12.74 -17.42
N GLY B 99 21.58 12.97 -17.29
CA GLY B 99 22.35 13.59 -18.35
C GLY B 99 22.57 12.68 -19.54
N GLY B 100 22.36 11.39 -19.33
CA GLY B 100 22.52 10.41 -20.38
C GLY B 100 23.84 9.66 -20.29
N THR B 101 23.82 8.40 -20.74
CA THR B 101 25.03 7.59 -20.83
C THR B 101 25.14 7.01 -22.23
N LYS B 102 26.20 7.34 -22.95
CA LYS B 102 26.39 6.83 -24.30
C LYS B 102 27.09 5.48 -24.25
N LEU B 103 26.50 4.49 -24.92
CA LEU B 103 27.06 3.14 -24.96
C LEU B 103 27.76 2.85 -26.29
N GLU B 104 29.08 2.78 -26.26
CA GLU B 104 29.88 2.50 -27.45
C GLU B 104 30.35 1.06 -27.47
N LEU B 105 30.37 0.46 -28.66
CA LEU B 105 30.77 -0.94 -28.80
C LEU B 105 32.20 -1.10 -29.28
N LYS B 106 32.93 -2.02 -28.65
CA LYS B 106 34.28 -2.38 -29.09
C LYS B 106 34.16 -3.48 -30.14
N ARG B 107 35.01 -3.41 -31.16
CA ARG B 107 35.04 -4.44 -32.20
C ARG B 107 36.43 -4.49 -32.83
N ALA B 108 36.66 -5.50 -33.67
CA ALA B 108 37.94 -5.63 -34.33
C ALA B 108 38.15 -4.48 -35.32
N ASP B 109 39.41 -4.18 -35.60
CA ASP B 109 39.73 -3.17 -36.59
C ASP B 109 39.21 -3.59 -37.95
N ALA B 110 38.85 -2.60 -38.76
CA ALA B 110 38.33 -2.85 -40.10
C ALA B 110 38.79 -1.75 -41.04
N ALA B 111 39.25 -2.13 -42.22
CA ALA B 111 39.68 -1.16 -43.22
C ALA B 111 38.46 -0.55 -43.87
N PRO B 112 38.52 0.75 -44.20
CA PRO B 112 37.40 1.39 -44.88
C PRO B 112 37.26 0.88 -46.31
N THR B 113 36.02 0.64 -46.74
CA THR B 113 35.75 0.42 -48.15
C THR B 113 35.69 1.79 -48.84
N VAL B 114 36.64 2.05 -49.71
CA VAL B 114 36.78 3.36 -50.32
C VAL B 114 36.18 3.43 -51.73
N SER B 115 35.36 4.45 -51.97
CA SER B 115 34.75 4.67 -53.27
C SER B 115 34.88 6.13 -53.65
N ILE B 116 35.28 6.40 -54.90
CA ILE B 116 35.45 7.76 -55.37
C ILE B 116 34.44 8.04 -56.49
N PHE B 117 33.93 9.26 -56.53
CA PHE B 117 32.92 9.61 -57.53
C PHE B 117 33.24 10.94 -58.19
N PRO B 118 33.16 10.98 -59.52
CA PRO B 118 33.34 12.23 -60.27
C PRO B 118 32.11 13.12 -60.14
N PRO B 119 32.27 14.41 -60.45
CA PRO B 119 31.09 15.30 -60.47
C PRO B 119 30.15 14.91 -61.61
N SER B 120 28.86 15.06 -61.38
CA SER B 120 27.87 14.84 -62.42
C SER B 120 27.92 15.97 -63.44
N SER B 121 27.55 15.68 -64.67
CA SER B 121 27.53 16.70 -65.71
C SER B 121 26.50 17.79 -65.38
N GLU B 122 25.46 17.37 -64.66
CA GLU B 122 24.47 18.30 -64.14
C GLU B 122 25.11 19.40 -63.31
N GLN B 123 25.92 19.03 -62.32
CA GLN B 123 26.59 20.01 -61.50
C GLN B 123 27.57 20.86 -62.31
N LEU B 124 28.28 20.22 -63.23
CA LEU B 124 29.27 20.92 -64.05
C LEU B 124 28.64 22.04 -64.86
N THR B 125 27.48 21.77 -65.46
CA THR B 125 26.74 22.78 -66.17
C THR B 125 26.39 23.97 -65.27
N SER B 126 26.13 23.71 -63.99
CA SER B 126 25.82 24.74 -63.02
C SER B 126 26.99 25.59 -62.66
N GLY B 127 28.18 25.13 -63.01
CA GLY B 127 29.42 25.85 -62.80
C GLY B 127 30.26 25.30 -61.68
N GLY B 128 29.81 24.23 -61.07
CA GLY B 128 30.47 23.65 -59.91
C GLY B 128 30.97 22.24 -60.15
N ALA B 129 31.89 21.78 -59.31
CA ALA B 129 32.40 20.41 -59.39
C ALA B 129 32.71 19.86 -58.01
N SER B 130 31.93 18.87 -57.59
CA SER B 130 32.16 18.23 -56.30
C SER B 130 32.64 16.79 -56.53
N VAL B 131 33.87 16.52 -56.11
CA VAL B 131 34.38 15.15 -56.14
C VAL B 131 34.11 14.55 -54.77
N VAL B 132 33.45 13.39 -54.76
CA VAL B 132 33.01 12.77 -53.51
C VAL B 132 33.69 11.43 -53.27
N CYS B 133 34.12 11.20 -52.03
CA CYS B 133 34.76 9.94 -51.65
C CYS B 133 34.10 9.38 -50.40
N PHE B 134 33.61 8.15 -50.48
CA PHE B 134 33.05 7.46 -49.32
C PHE B 134 34.06 6.51 -48.69
N LEU B 135 34.32 6.69 -47.40
CA LEU B 135 35.15 5.75 -46.67
C LEU B 135 34.23 5.01 -45.71
N ASN B 136 33.80 3.83 -46.11
CA ASN B 136 32.73 3.15 -45.40
C ASN B 136 33.13 1.98 -44.52
N ASN B 137 32.45 1.88 -43.38
CA ASN B 137 32.56 0.72 -42.49
C ASN B 137 33.95 0.39 -41.99
N PHE B 138 34.57 1.35 -41.32
CA PHE B 138 35.90 1.13 -40.73
C PHE B 138 35.84 1.19 -39.22
N TYR B 139 36.92 0.77 -38.57
CA TYR B 139 37.05 0.85 -37.13
C TYR B 139 38.52 0.79 -36.72
N PRO B 140 38.93 1.63 -35.76
CA PRO B 140 38.09 2.63 -35.09
C PRO B 140 38.03 3.95 -35.86
N LYS B 141 37.41 4.97 -35.27
CA LYS B 141 37.34 6.30 -35.87
C LYS B 141 38.70 6.98 -35.87
N ASP B 142 39.58 6.57 -36.78
CA ASP B 142 40.94 7.10 -36.79
C ASP B 142 41.45 7.28 -38.21
N ILE B 143 40.51 7.42 -39.15
CA ILE B 143 40.84 7.51 -40.55
C ILE B 143 41.10 8.96 -40.97
N ASN B 144 42.23 9.17 -41.65
CA ASN B 144 42.49 10.43 -42.33
C ASN B 144 42.28 10.28 -43.83
N VAL B 145 41.74 11.32 -44.44
CA VAL B 145 41.55 11.29 -45.88
C VAL B 145 42.47 12.31 -46.50
N LYS B 146 43.10 11.94 -47.61
CA LYS B 146 43.97 12.85 -48.33
C LYS B 146 43.53 12.88 -49.78
N TRP B 147 43.47 14.07 -50.36
CA TRP B 147 43.09 14.22 -51.75
C TRP B 147 44.31 14.56 -52.61
N LYS B 148 44.30 14.04 -53.85
CA LYS B 148 45.34 14.37 -54.81
C LYS B 148 44.73 14.65 -56.16
N ILE B 149 45.22 15.68 -56.83
CA ILE B 149 44.79 16.00 -58.17
C ILE B 149 46.03 15.95 -59.04
N ASP B 150 45.95 15.23 -60.17
CA ASP B 150 47.11 14.96 -61.01
C ASP B 150 48.34 14.54 -60.20
N GLY B 151 48.12 13.79 -59.11
CA GLY B 151 49.20 13.31 -58.27
C GLY B 151 49.65 14.23 -57.15
N SER B 152 49.24 15.50 -57.21
CA SER B 152 49.64 16.46 -56.18
C SER B 152 48.58 16.65 -55.10
N GLU B 153 49.02 16.62 -53.85
CA GLU B 153 48.12 16.75 -52.70
C GLU B 153 47.38 18.07 -52.71
N ARG B 154 46.10 18.02 -52.32
CA ARG B 154 45.25 19.19 -52.24
C ARG B 154 44.56 19.23 -50.88
N GLN B 155 44.76 20.32 -50.14
CA GLN B 155 44.25 20.40 -48.77
C GLN B 155 43.04 21.34 -48.61
N ASN B 156 42.95 22.36 -49.47
CA ASN B 156 41.83 23.30 -49.36
C ASN B 156 40.61 22.85 -50.17
N GLY B 157 39.43 23.19 -49.65
CA GLY B 157 38.18 22.88 -50.33
C GLY B 157 37.59 21.53 -49.96
N VAL B 158 38.04 20.98 -48.84
CA VAL B 158 37.60 19.65 -48.42
C VAL B 158 36.62 19.75 -47.24
N LEU B 159 35.54 19.00 -47.32
CA LEU B 159 34.58 18.92 -46.22
C LEU B 159 34.29 17.47 -45.88
N ASN B 160 34.33 17.15 -44.59
CA ASN B 160 34.16 15.78 -44.12
C ASN B 160 32.92 15.61 -43.25
N SER B 161 32.39 14.39 -43.21
CA SER B 161 31.24 14.10 -42.37
C SER B 161 31.25 12.63 -41.90
N TRP B 162 31.12 12.43 -40.59
CA TRP B 162 31.17 11.09 -40.02
C TRP B 162 29.81 10.58 -39.56
N THR B 163 29.50 9.32 -39.84
CA THR B 163 28.36 8.69 -39.21
C THR B 163 28.75 8.23 -37.81
N ASP B 164 27.76 7.95 -36.98
CA ASP B 164 28.03 7.36 -35.69
C ASP B 164 28.02 5.86 -35.88
N GLN B 165 28.30 5.13 -34.80
CA GLN B 165 28.42 3.67 -34.84
C GLN B 165 27.24 2.98 -35.50
N ASP B 166 27.52 2.11 -36.48
CA ASP B 166 26.49 1.39 -37.19
C ASP B 166 25.83 0.34 -36.30
N SER B 167 24.53 0.14 -36.50
CA SER B 167 23.77 -0.76 -35.63
C SER B 167 24.02 -2.25 -35.93
N LYS B 168 24.57 -2.53 -37.10
CA LYS B 168 24.81 -3.91 -37.52
C LYS B 168 26.23 -4.39 -37.21
N ASP B 169 27.23 -3.69 -37.74
CA ASP B 169 28.62 -4.12 -37.61
C ASP B 169 29.46 -3.26 -36.68
N SER B 170 28.83 -2.23 -36.10
CA SER B 170 29.48 -1.34 -35.13
C SER B 170 30.64 -0.54 -35.70
N THR B 171 30.67 -0.39 -37.02
CA THR B 171 31.72 0.39 -37.66
C THR B 171 31.31 1.85 -37.80
N TYR B 172 32.23 2.65 -38.29
CA TYR B 172 31.96 4.03 -38.63
C TYR B 172 32.14 4.25 -40.12
N SER B 173 31.47 5.26 -40.66
CA SER B 173 31.69 5.64 -42.05
C SER B 173 31.96 7.12 -42.14
N MET B 174 32.67 7.50 -43.19
CA MET B 174 33.02 8.90 -43.38
C MET B 174 32.80 9.30 -44.83
N SER B 175 32.40 10.55 -45.04
CA SER B 175 32.23 11.08 -46.37
C SER B 175 33.06 12.34 -46.53
N SER B 176 33.87 12.38 -47.59
CA SER B 176 34.73 13.53 -47.84
C SER B 176 34.45 14.12 -49.22
N THR B 177 34.34 15.43 -49.28
CA THR B 177 34.00 16.10 -50.53
C THR B 177 34.96 17.22 -50.86
N LEU B 178 35.64 17.07 -52.00
CA LEU B 178 36.48 18.13 -52.56
C LEU B 178 35.66 18.97 -53.54
N THR B 179 35.53 20.26 -53.27
CA THR B 179 34.77 21.15 -54.14
C THR B 179 35.67 22.08 -54.95
N LEU B 180 35.44 22.11 -56.26
CA LEU B 180 36.18 22.96 -57.18
C LEU B 180 35.23 23.68 -58.11
N THR B 181 35.70 24.74 -58.77
CA THR B 181 34.93 25.33 -59.84
C THR B 181 35.07 24.42 -61.05
N LYS B 182 34.07 24.40 -61.91
CA LYS B 182 34.13 23.61 -63.11
C LYS B 182 35.40 23.89 -63.90
N ASP B 183 35.90 25.10 -63.82
CA ASP B 183 37.04 25.47 -64.60
C ASP B 183 38.32 24.88 -64.06
N GLU B 184 38.57 24.99 -62.77
CA GLU B 184 39.76 24.38 -62.18
C GLU B 184 39.71 22.85 -62.23
N TYR B 185 38.49 22.30 -62.26
CA TYR B 185 38.30 20.86 -62.38
C TYR B 185 38.71 20.34 -63.75
N GLU B 186 38.44 21.11 -64.79
CA GLU B 186 38.69 20.65 -66.15
C GLU B 186 40.12 20.93 -66.60
N ARG B 187 40.92 21.49 -65.71
CA ARG B 187 42.32 21.73 -66.01
C ARG B 187 43.18 20.51 -65.61
N HIS B 188 42.55 19.49 -65.05
CA HIS B 188 43.29 18.29 -64.66
C HIS B 188 42.58 17.03 -65.14
N ASN B 189 43.22 15.88 -64.96
CA ASN B 189 42.67 14.64 -65.49
C ASN B 189 42.41 13.56 -64.46
N SER B 190 43.29 13.45 -63.47
CA SER B 190 43.14 12.39 -62.48
C SER B 190 42.84 12.92 -61.09
N TYR B 191 41.94 12.21 -60.39
CA TYR B 191 41.55 12.60 -59.04
C TYR B 191 41.66 11.41 -58.10
N THR B 192 42.29 11.62 -56.95
CA THR B 192 42.62 10.53 -56.05
C THR B 192 42.20 10.80 -54.60
N CYS B 193 41.66 9.76 -53.97
CA CYS B 193 41.25 9.81 -52.58
C CYS B 193 42.03 8.75 -51.82
N GLU B 194 42.81 9.16 -50.82
CA GLU B 194 43.60 8.22 -50.01
C GLU B 194 43.11 8.11 -48.55
N ALA B 195 43.14 6.89 -48.02
CA ALA B 195 42.74 6.64 -46.64
C ALA B 195 43.89 6.10 -45.82
N THR B 196 44.13 6.70 -44.65
CA THR B 196 45.19 6.28 -43.75
C THR B 196 44.71 6.21 -42.31
N HIS B 197 45.07 5.14 -41.62
CA HIS B 197 44.70 4.98 -40.21
C HIS B 197 45.62 5.81 -39.32
N SER B 200 47.71 3.29 -41.47
CA SER B 200 49.02 3.09 -40.87
C SER B 200 50.07 3.87 -41.63
N THR B 201 50.93 3.14 -42.35
CA THR B 201 51.95 3.74 -43.20
C THR B 201 51.56 3.57 -44.67
N SER B 202 50.68 2.61 -44.94
CA SER B 202 50.22 2.33 -46.29
C SER B 202 48.78 2.76 -46.47
N PRO B 203 48.52 3.59 -47.49
CA PRO B 203 47.18 4.12 -47.72
C PRO B 203 46.30 3.16 -48.52
N ILE B 204 44.99 3.39 -48.46
CA ILE B 204 44.06 2.77 -49.39
C ILE B 204 43.71 3.84 -50.41
N VAL B 205 43.83 3.52 -51.70
CA VAL B 205 43.70 4.54 -52.73
C VAL B 205 42.63 4.22 -53.77
N LYS B 206 41.84 5.23 -54.11
CA LYS B 206 40.87 5.11 -55.20
C LYS B 206 40.96 6.33 -56.11
N SER B 207 40.91 6.10 -57.42
CA SER B 207 41.06 7.18 -58.40
C SER B 207 40.09 7.07 -59.56
N PHE B 208 39.91 8.19 -60.27
CA PHE B 208 39.30 8.16 -61.58
C PHE B 208 40.01 9.12 -62.52
N ASN B 209 39.81 8.91 -63.82
CA ASN B 209 40.32 9.81 -64.84
C ASN B 209 39.16 10.49 -65.55
N ARG B 210 39.36 11.76 -65.92
CA ARG B 210 38.35 12.46 -66.70
C ARG B 210 38.32 11.99 -68.15
N ASN B 211 39.41 11.39 -68.61
CA ASN B 211 39.55 11.06 -70.03
C ASN B 211 39.09 9.65 -70.39
N GLU B 212 39.17 8.73 -69.44
CA GLU B 212 38.82 7.34 -69.71
C GLU B 212 38.31 6.62 -68.47
N CYS B 213 37.62 5.50 -68.74
CA CYS B 213 36.97 4.64 -67.74
C CYS B 213 37.93 3.99 -66.78
N GLN C 1 -2.03 5.53 33.53
CA GLN C 1 -3.06 4.63 34.07
C GLN C 1 -4.38 4.79 33.33
N VAL C 2 -4.42 4.25 32.11
CA VAL C 2 -5.67 4.23 31.35
C VAL C 2 -6.57 3.16 31.93
N GLN C 3 -7.78 3.57 32.31
CA GLN C 3 -8.77 2.64 32.86
C GLN C 3 -10.16 2.97 32.32
N LEU C 4 -11.01 1.95 32.31
CA LEU C 4 -12.40 2.12 31.92
C LEU C 4 -13.27 1.52 33.02
N GLN C 5 -14.04 2.38 33.68
CA GLN C 5 -14.88 1.91 34.78
C GLN C 5 -16.34 1.77 34.35
N GLN C 6 -16.86 0.55 34.38
CA GLN C 6 -18.23 0.29 33.97
C GLN C 6 -19.19 0.27 35.15
N SER C 7 -20.47 0.47 34.84
CA SER C 7 -21.52 0.52 35.86
C SER C 7 -21.79 -0.83 36.51
N GLY C 8 -22.40 -0.81 37.68
CA GLY C 8 -22.74 -2.03 38.40
C GLY C 8 -23.83 -2.81 37.70
N ALA C 9 -24.11 -4.01 38.20
CA ALA C 9 -25.14 -4.86 37.61
C ALA C 9 -26.48 -4.16 37.58
N GLU C 10 -27.34 -4.53 36.64
CA GLU C 10 -28.63 -3.86 36.53
C GLU C 10 -29.75 -4.84 36.21
N LEU C 11 -30.93 -4.52 36.73
CA LEU C 11 -32.10 -5.36 36.54
C LEU C 11 -33.25 -4.52 35.99
N MET C 12 -33.86 -4.99 34.91
CA MET C 12 -35.00 -4.32 34.30
C MET C 12 -35.99 -5.33 33.76
N LYS C 13 -37.27 -4.99 33.80
CA LYS C 13 -38.33 -5.86 33.30
C LYS C 13 -38.38 -5.81 31.77
N PRO C 14 -38.78 -6.92 31.13
CA PRO C 14 -38.83 -7.00 29.67
C PRO C 14 -39.73 -5.94 29.03
N GLY C 15 -39.24 -5.32 27.95
CA GLY C 15 -39.96 -4.26 27.28
C GLY C 15 -39.46 -2.90 27.71
N ALA C 16 -38.77 -2.84 28.84
CA ALA C 16 -38.24 -1.58 29.36
C ALA C 16 -36.84 -1.29 28.82
N SER C 17 -36.16 -0.34 29.43
CA SER C 17 -34.86 0.08 28.92
C SER C 17 -33.84 0.29 30.03
N VAL C 18 -32.58 0.07 29.67
CA VAL C 18 -31.49 0.24 30.61
C VAL C 18 -30.41 1.13 29.97
N LYS C 19 -29.67 1.85 30.79
CA LYS C 19 -28.64 2.75 30.32
C LYS C 19 -27.35 2.56 31.13
N ILE C 20 -26.44 1.73 30.62
CA ILE C 20 -25.18 1.45 31.32
C ILE C 20 -24.06 2.38 30.86
N SER C 21 -23.11 2.64 31.76
CA SER C 21 -22.10 3.65 31.49
C SER C 21 -20.67 3.13 31.50
N CYS C 22 -19.81 3.82 30.77
CA CYS C 22 -18.38 3.51 30.69
C CYS C 22 -17.59 4.79 30.96
N LYS C 23 -16.95 4.86 32.12
CA LYS C 23 -16.18 6.04 32.49
C LYS C 23 -14.70 5.87 32.19
N ALA C 24 -14.11 6.84 31.52
CA ALA C 24 -12.72 6.76 31.11
C ALA C 24 -11.85 7.71 31.91
N THR C 25 -10.64 7.27 32.22
CA THR C 25 -9.64 8.09 32.88
C THR C 25 -8.27 7.74 32.33
N GLY C 26 -7.35 8.70 32.37
CA GLY C 26 -5.97 8.44 32.03
C GLY C 26 -5.56 8.80 30.60
N TYR C 27 -6.48 9.37 29.85
CA TYR C 27 -6.19 9.76 28.46
C TYR C 27 -7.17 10.81 27.95
N THR C 28 -6.96 11.28 26.73
CA THR C 28 -7.86 12.26 26.12
C THR C 28 -9.12 11.58 25.62
N PHE C 29 -10.19 11.75 26.39
CA PHE C 29 -11.46 11.06 26.18
C PHE C 29 -12.04 11.27 24.79
N SER C 30 -11.81 12.46 24.23
CA SER C 30 -12.47 12.86 23.00
C SER C 30 -11.90 12.19 21.74
N SER C 31 -10.66 11.73 21.84
CA SER C 31 -9.91 11.29 20.65
C SER C 31 -9.68 9.78 20.56
N TYR C 32 -10.58 9.02 21.17
CA TYR C 32 -10.55 7.57 21.02
C TYR C 32 -11.99 7.08 20.88
N TRP C 33 -12.20 6.11 20.00
CA TRP C 33 -13.53 5.51 19.87
C TRP C 33 -13.80 4.63 21.07
N ILE C 34 -15.00 4.74 21.63
CA ILE C 34 -15.45 3.81 22.65
C ILE C 34 -16.23 2.69 21.97
N GLU C 35 -15.79 1.46 22.18
CA GLU C 35 -16.45 0.30 21.58
C GLU C 35 -17.39 -0.33 22.60
N TRP C 36 -18.48 -0.93 22.14
CA TRP C 36 -19.38 -1.67 23.01
C TRP C 36 -19.54 -3.10 22.50
N VAL C 37 -19.46 -4.07 23.41
CA VAL C 37 -19.43 -5.48 23.07
C VAL C 37 -20.39 -6.29 23.93
N LYS C 38 -21.13 -7.20 23.30
CA LYS C 38 -22.11 -8.03 24.00
C LYS C 38 -21.66 -9.48 24.14
N GLN C 39 -21.96 -10.08 25.29
CA GLN C 39 -21.74 -11.51 25.49
C GLN C 39 -22.92 -12.17 26.20
N ARG C 40 -23.62 -13.03 25.49
CA ARG C 40 -24.67 -13.86 26.06
C ARG C 40 -24.01 -14.92 26.93
N PRO C 41 -24.61 -15.23 28.08
CA PRO C 41 -24.07 -16.25 28.98
C PRO C 41 -23.89 -17.58 28.24
N GLY C 42 -22.65 -18.05 28.16
CA GLY C 42 -22.36 -19.29 27.47
C GLY C 42 -21.92 -19.09 26.04
N HIS C 43 -22.32 -17.98 25.43
CA HIS C 43 -21.95 -17.69 24.05
C HIS C 43 -20.70 -16.81 23.96
N GLY C 44 -20.29 -16.49 22.73
CA GLY C 44 -19.08 -15.73 22.50
C GLY C 44 -19.29 -14.22 22.47
N LEU C 45 -18.29 -13.49 22.00
CA LEU C 45 -18.33 -12.04 21.96
C LEU C 45 -19.02 -11.52 20.71
N GLU C 46 -19.75 -10.41 20.85
CA GLU C 46 -20.41 -9.79 19.70
C GLU C 46 -20.22 -8.27 19.69
N TRP C 47 -19.86 -7.72 18.54
CA TRP C 47 -19.62 -6.28 18.44
C TRP C 47 -20.92 -5.52 18.20
N ILE C 48 -21.17 -4.54 19.06
CA ILE C 48 -22.41 -3.79 19.03
C ILE C 48 -22.23 -2.53 18.19
N GLY C 49 -21.20 -1.76 18.50
CA GLY C 49 -20.94 -0.52 17.80
C GLY C 49 -19.93 0.35 18.53
N GLU C 50 -19.83 1.60 18.11
CA GLU C 50 -18.81 2.50 18.64
C GLU C 50 -19.25 3.96 18.58
N ILE C 51 -18.63 4.78 19.42
CA ILE C 51 -18.85 6.22 19.40
C ILE C 51 -17.53 6.97 19.52
N LEU C 52 -17.40 8.08 18.79
CA LEU C 52 -16.25 8.97 18.94
C LEU C 52 -16.70 10.20 19.71
N PRO C 53 -16.39 10.25 21.01
CA PRO C 53 -16.91 11.29 21.89
C PRO C 53 -16.60 12.70 21.40
N GLY C 54 -15.42 12.90 20.85
CA GLY C 54 -14.99 14.21 20.37
C GLY C 54 -15.95 14.81 19.35
N SER C 55 -16.58 13.96 18.55
CA SER C 55 -17.50 14.43 17.52
C SER C 55 -18.92 13.95 17.75
N GLY C 56 -19.07 12.86 18.48
CA GLY C 56 -20.37 12.23 18.64
C GLY C 56 -20.72 11.33 17.46
N SER C 57 -19.73 11.03 16.63
CA SER C 57 -19.94 10.12 15.50
C SER C 57 -20.13 8.68 15.99
N THR C 58 -21.02 7.95 15.32
CA THR C 58 -21.32 6.59 15.71
C THR C 58 -21.24 5.61 14.54
N ASN C 59 -20.94 4.37 14.85
CA ASN C 59 -21.04 3.28 13.89
C ASN C 59 -21.71 2.09 14.56
N TYR C 60 -22.80 1.62 13.99
CA TYR C 60 -23.52 0.48 14.57
C TYR C 60 -23.39 -0.78 13.72
N ASN C 61 -23.24 -1.91 14.39
CA ASN C 61 -23.49 -3.20 13.75
C ASN C 61 -24.96 -3.21 13.38
N GLU C 62 -25.26 -3.66 12.16
CA GLU C 62 -26.63 -3.67 11.65
C GLU C 62 -27.57 -4.41 12.60
N ARG C 63 -27.05 -5.45 13.24
CA ARG C 63 -27.85 -6.27 14.16
C ARG C 63 -28.46 -5.48 15.32
N PHE C 64 -27.81 -4.39 15.71
CA PHE C 64 -28.24 -3.67 16.90
C PHE C 64 -28.84 -2.30 16.59
N LYS C 65 -29.05 -2.05 15.30
CA LYS C 65 -29.56 -0.76 14.82
C LYS C 65 -30.71 -0.22 15.67
N GLY C 66 -31.77 -1.00 15.81
CA GLY C 66 -32.92 -0.55 16.56
C GLY C 66 -32.83 -0.78 18.06
N LYS C 67 -31.80 -1.49 18.50
CA LYS C 67 -31.69 -1.87 19.90
C LYS C 67 -30.77 -0.95 20.72
N ALA C 68 -29.60 -0.66 20.17
CA ALA C 68 -28.58 0.07 20.92
C ALA C 68 -28.46 1.52 20.47
N SER C 69 -28.18 2.41 21.42
CA SER C 69 -27.90 3.82 21.09
C SER C 69 -26.83 4.40 22.02
N PHE C 70 -25.83 5.04 21.42
CA PHE C 70 -24.66 5.52 22.16
C PHE C 70 -24.70 7.03 22.41
N THR C 71 -24.30 7.45 23.60
CA THR C 71 -24.08 8.85 23.87
C THR C 71 -22.79 9.05 24.65
N ALA C 72 -22.39 10.30 24.82
CA ALA C 72 -21.13 10.60 25.49
C ALA C 72 -21.18 11.94 26.19
N ASP C 73 -20.76 11.95 27.46
CA ASP C 73 -20.69 13.18 28.23
C ASP C 73 -19.23 13.55 28.51
N SER C 74 -18.71 14.48 27.73
CA SER C 74 -17.28 14.81 27.77
C SER C 74 -16.86 15.58 29.02
N SER C 75 -17.84 16.10 29.76
CA SER C 75 -17.54 16.82 30.99
C SER C 75 -17.15 15.84 32.09
N SER C 76 -17.74 14.65 32.06
CA SER C 76 -17.42 13.61 33.04
C SER C 76 -16.62 12.47 32.41
N ASN C 77 -16.22 12.65 31.16
CA ASN C 77 -15.46 11.63 30.41
C ASN C 77 -16.10 10.26 30.47
N THR C 78 -17.40 10.21 30.20
CA THR C 78 -18.16 8.97 30.33
C THR C 78 -19.02 8.70 29.09
N ALA C 79 -18.96 7.47 28.59
CA ALA C 79 -19.82 7.04 27.50
C ALA C 79 -20.97 6.18 28.01
N TYR C 80 -22.10 6.23 27.32
CA TYR C 80 -23.31 5.52 27.74
C TYR C 80 -23.87 4.71 26.57
N MET C 81 -24.36 3.51 26.87
CA MET C 81 -25.12 2.73 25.89
C MET C 81 -26.50 2.39 26.43
N GLN C 82 -27.53 2.84 25.74
CA GLN C 82 -28.90 2.53 26.11
C GLN C 82 -29.45 1.39 25.26
N LEU C 83 -30.03 0.39 25.92
CA LEU C 83 -30.70 -0.69 25.22
C LEU C 83 -32.20 -0.55 25.39
N SER C 84 -32.94 -0.58 24.28
CA SER C 84 -34.38 -0.30 24.32
C SER C 84 -35.22 -1.56 24.18
N SER C 85 -36.43 -1.53 24.72
CA SER C 85 -37.38 -2.64 24.64
C SER C 85 -36.72 -4.01 24.90
N LEU C 86 -36.37 -4.24 26.16
CA LEU C 86 -35.58 -5.40 26.55
C LEU C 86 -36.32 -6.73 26.39
N THR C 87 -35.63 -7.69 25.78
CA THR C 87 -36.10 -9.07 25.73
C THR C 87 -35.12 -9.95 26.50
N SER C 88 -35.44 -11.22 26.64
CA SER C 88 -34.59 -12.15 27.37
C SER C 88 -33.28 -12.38 26.62
N GLU C 89 -33.28 -12.06 25.33
CA GLU C 89 -32.10 -12.17 24.50
C GLU C 89 -31.09 -11.10 24.87
N ASP C 90 -31.56 -10.06 25.56
CA ASP C 90 -30.71 -8.94 25.93
C ASP C 90 -30.02 -9.14 27.27
N SER C 91 -30.40 -10.20 28.00
CA SER C 91 -29.70 -10.58 29.22
C SER C 91 -28.28 -11.03 28.88
N ALA C 92 -27.30 -10.25 29.30
CA ALA C 92 -25.92 -10.51 28.92
C ALA C 92 -24.95 -9.68 29.75
N VAL C 93 -23.65 -9.88 29.53
CA VAL C 93 -22.66 -8.96 30.05
C VAL C 93 -22.21 -8.04 28.92
N TYR C 94 -22.04 -6.76 29.25
CA TYR C 94 -21.71 -5.76 28.25
C TYR C 94 -20.40 -5.08 28.57
N TYR C 95 -19.47 -5.16 27.63
CA TYR C 95 -18.13 -4.60 27.81
C TYR C 95 -17.95 -3.36 26.98
N CYS C 96 -17.18 -2.42 27.50
CA CYS C 96 -16.70 -1.31 26.69
C CYS C 96 -15.19 -1.44 26.51
N THR C 97 -14.70 -0.92 25.39
CA THR C 97 -13.26 -0.86 25.16
C THR C 97 -12.95 0.32 24.25
N ARG C 98 -11.80 0.29 23.58
CA ARG C 98 -11.27 1.49 22.97
C ARG C 98 -10.52 1.18 21.68
N THR C 99 -10.59 2.08 20.70
CA THR C 99 -9.65 2.06 19.57
C THR C 99 -9.18 3.47 19.23
N SER C 100 -7.97 3.57 18.69
CA SER C 100 -7.50 4.83 18.11
C SER C 100 -8.39 5.21 16.92
N TYR C 101 -8.45 6.51 16.60
CA TYR C 101 -9.18 6.93 15.40
C TYR C 101 -8.31 6.79 14.16
N TYR C 102 -7.05 6.42 14.36
CA TYR C 102 -6.13 6.19 13.25
C TYR C 102 -5.35 4.89 13.44
N PHE C 103 -5.17 4.15 12.37
CA PHE C 103 -4.42 2.89 12.44
C PHE C 103 -2.92 3.14 12.55
N GLY C 104 -2.22 2.22 13.21
CA GLY C 104 -0.77 2.32 13.33
C GLY C 104 -0.28 2.52 14.74
N SER C 105 -1.20 2.66 15.70
CA SER C 105 -0.82 2.84 17.10
C SER C 105 -0.94 1.53 17.86
N SER C 106 -0.76 1.59 19.18
CA SER C 106 -0.83 0.42 20.03
C SER C 106 -2.10 0.41 20.84
N TYR C 107 -3.02 1.29 20.47
CA TYR C 107 -4.20 1.59 21.28
C TYR C 107 -5.45 0.81 20.89
N ASP C 108 -5.38 0.02 19.82
CA ASP C 108 -6.55 -0.70 19.35
C ASP C 108 -6.95 -1.85 20.29
N PHE C 109 -8.14 -1.73 20.90
CA PHE C 109 -8.66 -2.72 21.84
C PHE C 109 -7.74 -3.03 23.04
N ASP C 110 -6.93 -2.05 23.44
CA ASP C 110 -5.94 -2.28 24.49
C ASP C 110 -6.52 -2.45 25.90
N VAL C 111 -7.46 -1.59 26.28
CA VAL C 111 -8.01 -1.66 27.63
C VAL C 111 -9.50 -2.01 27.61
N TRP C 112 -9.90 -2.90 28.51
CA TRP C 112 -11.28 -3.35 28.59
C TRP C 112 -11.90 -3.08 29.96
N GLY C 113 -13.17 -2.68 29.98
CA GLY C 113 -13.90 -2.54 31.21
C GLY C 113 -14.17 -3.91 31.80
N ALA C 114 -14.51 -3.97 33.09
CA ALA C 114 -14.74 -5.24 33.75
C ALA C 114 -16.08 -5.87 33.34
N GLY C 115 -16.89 -5.11 32.61
CA GLY C 115 -18.17 -5.62 32.15
C GLY C 115 -19.32 -5.20 33.04
N THR C 116 -20.51 -5.10 32.45
CA THR C 116 -21.72 -4.83 33.19
C THR C 116 -22.76 -5.89 32.85
N THR C 117 -23.29 -6.52 33.89
CA THR C 117 -24.31 -7.55 33.74
C THR C 117 -25.71 -6.94 33.65
N VAL C 118 -26.42 -7.29 32.58
CA VAL C 118 -27.81 -6.87 32.40
C VAL C 118 -28.75 -8.08 32.51
N THR C 119 -29.67 -8.01 33.45
CA THR C 119 -30.64 -9.09 33.65
C THR C 119 -32.04 -8.62 33.31
N VAL C 120 -32.66 -9.29 32.34
CA VAL C 120 -34.02 -8.97 31.93
C VAL C 120 -35.00 -9.95 32.55
N SER C 121 -35.76 -9.48 33.54
CA SER C 121 -36.71 -10.31 34.26
C SER C 121 -37.67 -9.45 35.06
N SER C 122 -38.85 -9.98 35.33
CA SER C 122 -39.85 -9.26 36.11
C SER C 122 -39.87 -9.68 37.57
N ALA C 123 -38.91 -10.53 37.95
CA ALA C 123 -38.84 -11.03 39.32
C ALA C 123 -38.51 -9.94 40.33
N LYS C 124 -39.00 -10.12 41.54
CA LYS C 124 -38.83 -9.13 42.59
C LYS C 124 -37.43 -9.21 43.17
N THR C 125 -36.93 -8.12 43.68
CA THR C 125 -35.64 -8.10 44.32
C THR C 125 -35.80 -8.67 45.70
N THR C 126 -35.10 -9.78 45.95
CA THR C 126 -35.22 -10.52 47.20
C THR C 126 -33.91 -10.61 47.95
N ALA C 127 -33.90 -10.38 49.25
CA ALA C 127 -32.68 -10.55 50.01
C ALA C 127 -32.42 -12.00 50.41
N PRO C 128 -31.17 -12.43 50.36
CA PRO C 128 -30.83 -13.78 50.78
C PRO C 128 -30.76 -13.97 52.27
N SER C 129 -30.88 -15.23 52.63
CA SER C 129 -30.63 -15.63 54.00
C SER C 129 -29.34 -16.45 53.96
N VAL C 130 -28.45 -16.23 54.92
CA VAL C 130 -27.19 -16.96 54.94
C VAL C 130 -27.13 -17.98 56.07
N TYR C 131 -26.81 -19.22 55.69
CA TYR C 131 -26.84 -20.33 56.62
C TYR C 131 -25.46 -20.96 56.77
N PRO C 132 -25.06 -21.25 58.02
CA PRO C 132 -23.75 -21.83 58.27
C PRO C 132 -23.67 -23.30 57.85
N LEU C 133 -22.49 -23.72 57.41
CA LEU C 133 -22.25 -25.11 57.06
C LEU C 133 -21.11 -25.66 57.91
N ALA C 134 -21.41 -26.63 58.77
CA ALA C 134 -20.41 -27.27 59.61
C ALA C 134 -20.73 -28.76 59.72
N PRO C 135 -19.70 -29.60 59.82
CA PRO C 135 -19.93 -31.04 60.05
C PRO C 135 -20.70 -31.22 61.33
N VAL C 136 -21.64 -32.15 61.35
CA VAL C 136 -22.43 -32.39 62.56
C VAL C 136 -21.50 -32.68 63.74
N CYS C 137 -21.75 -31.98 64.85
CA CYS C 137 -20.93 -32.10 66.07
C CYS C 137 -19.46 -31.73 65.87
N GLY C 138 -19.17 -30.99 64.79
CA GLY C 138 -17.81 -30.65 64.46
C GLY C 138 -16.96 -31.89 64.20
N ASP C 139 -17.60 -32.93 63.67
CA ASP C 139 -16.92 -34.20 63.37
C ASP C 139 -15.74 -33.95 62.45
N THR C 140 -14.56 -34.39 62.87
CA THR C 140 -13.35 -34.12 62.11
C THR C 140 -13.19 -35.06 60.93
N THR C 141 -12.51 -34.57 59.90
CA THR C 141 -12.17 -35.39 58.75
C THR C 141 -10.66 -35.38 58.58
N GLY C 142 -9.99 -36.26 59.33
CA GLY C 142 -8.54 -36.31 59.31
C GLY C 142 -7.95 -35.10 59.99
N SER C 143 -6.85 -34.58 59.44
CA SER C 143 -6.18 -33.42 59.98
C SER C 143 -6.74 -32.12 59.42
N SER C 144 -7.94 -32.18 58.87
CA SER C 144 -8.57 -30.99 58.31
C SER C 144 -10.06 -30.96 58.61
N VAL C 145 -10.69 -29.85 58.25
CA VAL C 145 -12.13 -29.71 58.37
C VAL C 145 -12.62 -28.70 57.33
N THR C 146 -13.68 -29.04 56.63
CA THR C 146 -14.23 -28.15 55.63
C THR C 146 -15.49 -27.49 56.17
N LEU C 147 -15.53 -26.17 56.11
CA LEU C 147 -16.69 -25.42 56.55
C LEU C 147 -17.29 -24.71 55.35
N GLY C 148 -18.43 -24.04 55.54
CA GLY C 148 -19.03 -23.32 54.44
C GLY C 148 -20.18 -22.42 54.80
N CYS C 149 -20.62 -21.64 53.81
CA CYS C 149 -21.80 -20.79 53.93
C CYS C 149 -22.74 -21.04 52.76
N LEU C 150 -24.03 -21.04 53.05
CA LEU C 150 -25.05 -21.21 52.03
C LEU C 150 -25.82 -19.90 51.90
N VAL C 151 -25.74 -19.29 50.73
CA VAL C 151 -26.44 -18.03 50.48
C VAL C 151 -27.65 -18.29 49.58
N LYS C 152 -28.82 -18.34 50.21
CA LYS C 152 -30.01 -18.86 49.53
C LYS C 152 -31.14 -17.84 49.38
N GLY C 153 -31.80 -17.90 48.22
CA GLY C 153 -32.98 -17.10 47.97
C GLY C 153 -32.73 -15.61 47.79
N TYR C 154 -31.89 -15.25 46.83
CA TYR C 154 -31.67 -13.85 46.52
C TYR C 154 -31.89 -13.56 45.05
N PHE C 155 -32.18 -12.30 44.75
CA PHE C 155 -32.36 -11.84 43.38
C PHE C 155 -32.26 -10.32 43.34
N PRO C 156 -31.47 -9.79 42.38
CA PRO C 156 -30.76 -10.55 41.36
C PRO C 156 -29.29 -10.73 41.73
N GLU C 157 -28.49 -11.14 40.76
CA GLU C 157 -27.04 -11.16 40.91
C GLU C 157 -26.56 -9.72 41.02
N PRO C 158 -25.39 -9.50 41.64
CA PRO C 158 -24.50 -10.51 42.20
C PRO C 158 -24.54 -10.51 43.72
N VAL C 159 -23.80 -11.44 44.31
CA VAL C 159 -23.58 -11.44 45.75
C VAL C 159 -22.07 -11.44 45.95
N THR C 160 -21.61 -10.92 47.08
CA THR C 160 -20.21 -10.99 47.43
C THR C 160 -20.03 -11.79 48.72
N LEU C 161 -18.93 -12.52 48.80
CA LEU C 161 -18.66 -13.37 49.95
C LEU C 161 -17.17 -13.43 50.24
N THR C 162 -16.81 -13.19 51.50
CA THR C 162 -15.43 -13.41 51.94
C THR C 162 -15.40 -14.21 53.23
N TRP C 163 -14.21 -14.63 53.61
CA TRP C 163 -14.01 -15.40 54.83
C TRP C 163 -13.10 -14.61 55.76
N ASN C 164 -13.60 -14.31 56.95
CA ASN C 164 -12.86 -13.48 57.91
C ASN C 164 -12.41 -12.18 57.27
N SER C 165 -13.36 -11.51 56.61
CA SER C 165 -13.12 -10.23 55.96
C SER C 165 -12.02 -10.28 54.90
N GLY C 166 -11.79 -11.46 54.33
CA GLY C 166 -10.84 -11.61 53.25
C GLY C 166 -9.50 -12.16 53.68
N SER C 167 -9.24 -12.15 54.99
CA SER C 167 -7.96 -12.61 55.53
C SER C 167 -7.77 -14.11 55.33
N LEU C 168 -8.87 -14.83 55.16
CA LEU C 168 -8.82 -16.25 54.86
C LEU C 168 -9.20 -16.45 53.38
N SER C 169 -8.19 -16.74 52.57
CA SER C 169 -8.41 -16.83 51.12
C SER C 169 -7.92 -18.15 50.53
N SER C 170 -7.04 -18.83 51.26
CA SER C 170 -6.49 -20.10 50.80
C SER C 170 -7.40 -21.29 51.09
N GLY C 171 -7.62 -22.13 50.09
CA GLY C 171 -8.47 -23.29 50.26
C GLY C 171 -9.93 -22.93 50.26
N VAL C 172 -10.27 -21.84 49.57
CA VAL C 172 -11.63 -21.38 49.48
C VAL C 172 -12.20 -21.69 48.09
N HIS C 173 -13.40 -22.27 48.06
CA HIS C 173 -14.10 -22.46 46.81
C HIS C 173 -15.44 -21.77 46.87
N THR C 174 -15.64 -20.78 46.01
CA THR C 174 -16.95 -20.16 45.90
C THR C 174 -17.60 -20.61 44.61
N PHE C 175 -18.77 -21.24 44.73
CA PHE C 175 -19.44 -21.82 43.59
C PHE C 175 -20.38 -20.84 42.90
N PRO C 176 -20.45 -20.88 41.56
CA PRO C 176 -21.34 -20.00 40.80
C PRO C 176 -22.79 -20.19 41.25
N ALA C 177 -23.54 -19.12 41.27
CA ALA C 177 -24.89 -19.18 41.76
C ALA C 177 -25.77 -19.91 40.80
N LEU C 178 -26.84 -20.42 41.34
CA LEU C 178 -27.71 -21.24 40.57
C LEU C 178 -29.12 -20.70 40.72
N LEU C 179 -29.88 -20.72 39.63
CA LEU C 179 -31.15 -20.07 39.60
C LEU C 179 -32.28 -21.05 39.57
N GLN C 180 -33.24 -20.81 40.43
CA GLN C 180 -34.42 -21.67 40.51
C GLN C 180 -35.62 -20.91 41.06
N SER C 181 -36.73 -20.94 40.30
CA SER C 181 -37.94 -20.20 40.63
C SER C 181 -37.65 -18.74 40.94
N ASP C 182 -36.97 -18.08 40.02
CA ASP C 182 -36.63 -16.67 40.17
C ASP C 182 -35.78 -16.38 41.38
N LEU C 183 -35.10 -17.38 41.92
CA LEU C 183 -34.23 -17.18 43.08
C LEU C 183 -32.85 -17.82 42.87
N TYR C 184 -31.82 -17.15 43.38
CA TYR C 184 -30.45 -17.62 43.26
C TYR C 184 -29.98 -18.28 44.54
N THR C 185 -29.12 -19.28 44.40
CA THR C 185 -28.53 -19.97 45.55
C THR C 185 -27.05 -20.18 45.34
N LEU C 186 -26.25 -19.73 46.30
CA LEU C 186 -24.81 -19.78 46.16
C LEU C 186 -24.21 -20.37 47.43
N SER C 187 -23.11 -21.11 47.27
CA SER C 187 -22.40 -21.64 48.43
C SER C 187 -20.91 -21.39 48.29
N SER C 188 -20.24 -21.33 49.44
CA SER C 188 -18.79 -21.23 49.44
C SER C 188 -18.18 -22.20 50.43
N SER C 189 -17.06 -22.78 50.04
CA SER C 189 -16.37 -23.80 50.83
C SER C 189 -15.05 -23.25 51.37
N VAL C 190 -14.71 -23.60 52.60
CA VAL C 190 -13.40 -23.24 53.15
C VAL C 190 -12.80 -24.38 53.97
N THR C 191 -11.54 -24.69 53.71
CA THR C 191 -10.87 -25.79 54.36
C THR C 191 -9.68 -25.32 55.20
N VAL C 192 -9.67 -25.72 56.47
CA VAL C 192 -8.56 -25.40 57.35
C VAL C 192 -8.14 -26.64 58.14
N THR C 193 -7.18 -26.47 59.05
CA THR C 193 -6.71 -27.58 59.86
C THR C 193 -7.66 -27.86 61.01
N SER C 194 -7.62 -29.09 61.53
CA SER C 194 -8.46 -29.48 62.65
C SER C 194 -8.15 -28.69 63.90
N SER C 195 -6.93 -28.16 63.98
CA SER C 195 -6.49 -27.38 65.12
C SER C 195 -7.01 -25.95 65.01
N THR C 196 -7.22 -25.50 63.79
CA THR C 196 -7.74 -24.16 63.55
C THR C 196 -9.18 -24.00 64.04
N TRP C 197 -10.02 -25.00 63.79
CA TRP C 197 -11.44 -24.87 64.09
C TRP C 197 -11.93 -26.08 64.89
N PRO C 198 -12.81 -25.83 65.87
CA PRO C 198 -13.43 -24.55 66.23
C PRO C 198 -12.64 -23.70 67.22
N SER C 199 -11.38 -24.03 67.46
CA SER C 199 -10.57 -23.31 68.43
C SER C 199 -10.41 -21.84 68.07
N GLN C 200 -10.51 -21.52 66.78
CA GLN C 200 -10.36 -20.16 66.27
C GLN C 200 -11.55 -19.81 65.38
N SER C 201 -11.90 -18.55 65.30
CA SER C 201 -13.10 -18.16 64.59
C SER C 201 -12.98 -18.18 63.08
N ILE C 202 -14.04 -18.67 62.43
CA ILE C 202 -14.16 -18.64 60.98
C ILE C 202 -15.53 -18.06 60.64
N THR C 203 -15.55 -16.90 59.98
CA THR C 203 -16.80 -16.18 59.75
C THR C 203 -17.09 -15.93 58.29
N CYS C 204 -18.35 -16.12 57.92
CA CYS C 204 -18.83 -15.89 56.57
C CYS C 204 -19.27 -14.43 56.41
N ASN C 205 -18.67 -13.71 55.48
CA ASN C 205 -19.05 -12.31 55.22
C ASN C 205 -19.78 -12.18 53.89
N VAL C 206 -21.08 -11.90 53.95
CA VAL C 206 -21.89 -11.83 52.74
C VAL C 206 -22.52 -10.44 52.57
N ALA C 207 -22.49 -9.95 51.33
CA ALA C 207 -23.12 -8.68 50.99
C ALA C 207 -23.95 -8.82 49.73
N HIS C 208 -25.15 -8.22 49.75
CA HIS C 208 -26.03 -8.21 48.58
C HIS C 208 -26.51 -6.79 48.30
N PRO C 209 -25.75 -6.05 47.47
CA PRO C 209 -25.99 -4.64 47.15
C PRO C 209 -27.44 -4.32 46.79
N ALA C 210 -27.99 -5.03 45.81
CA ALA C 210 -29.35 -4.77 45.30
C ALA C 210 -30.43 -4.70 46.37
N SER C 211 -30.23 -5.39 47.50
CA SER C 211 -31.18 -5.33 48.60
C SER C 211 -30.51 -4.75 49.85
N SER C 212 -29.32 -4.20 49.64
CA SER C 212 -28.56 -3.53 50.71
C SER C 212 -28.45 -4.41 51.96
N THR C 213 -28.01 -5.65 51.75
CA THR C 213 -27.92 -6.61 52.83
C THR C 213 -26.47 -6.93 53.15
N LYS C 214 -26.16 -7.01 54.44
CA LYS C 214 -24.80 -7.29 54.87
C LYS C 214 -24.84 -8.17 56.12
N VAL C 215 -24.37 -9.41 56.00
CA VAL C 215 -24.40 -10.37 57.11
C VAL C 215 -23.04 -10.98 57.39
N ASP C 216 -22.74 -11.23 58.66
CA ASP C 216 -21.49 -11.87 59.05
C ASP C 216 -21.77 -13.12 59.89
N LYS C 217 -21.91 -14.27 59.22
CA LYS C 217 -22.26 -15.52 59.89
C LYS C 217 -21.04 -16.27 60.41
N LYS C 218 -20.96 -16.42 61.73
CA LYS C 218 -19.89 -17.19 62.35
C LYS C 218 -20.26 -18.67 62.34
N ILE C 219 -19.29 -19.52 62.03
CA ILE C 219 -19.55 -20.94 61.91
C ILE C 219 -19.23 -21.67 63.21
N GLU C 220 -20.26 -22.27 63.81
CA GLU C 220 -20.12 -22.93 65.11
C GLU C 220 -20.53 -24.41 65.03
N PRO C 221 -19.88 -25.26 65.84
CA PRO C 221 -20.25 -26.68 65.94
C PRO C 221 -21.63 -26.86 66.55
N ARG C 222 -22.45 -27.72 65.97
CA ARG C 222 -23.81 -27.92 66.44
C ARG C 222 -24.20 -29.35 66.66
N GLY C 223 -25.00 -29.60 67.70
CA GLY C 223 -25.48 -30.93 67.99
C GLY C 223 -26.08 -31.45 66.73
N PRO C 224 -26.66 -32.63 66.76
CA PRO C 224 -27.29 -33.16 65.57
C PRO C 224 -28.69 -32.60 65.38
N ASP D 1 -20.92 -10.08 6.05
CA ASP D 1 -19.92 -9.74 7.05
C ASP D 1 -18.79 -10.76 7.06
N ILE D 2 -17.59 -10.30 7.40
CA ILE D 2 -16.45 -11.21 7.46
C ILE D 2 -16.64 -12.22 8.59
N GLN D 3 -16.57 -13.50 8.24
CA GLN D 3 -16.79 -14.56 9.23
C GLN D 3 -15.46 -15.11 9.73
N MET D 4 -15.33 -15.17 11.05
CA MET D 4 -14.13 -15.72 11.67
C MET D 4 -14.44 -17.09 12.26
N THR D 5 -13.69 -18.09 11.83
CA THR D 5 -13.85 -19.44 12.35
C THR D 5 -12.62 -19.87 13.12
N GLN D 6 -12.81 -20.18 14.41
CA GLN D 6 -11.71 -20.66 15.26
C GLN D 6 -11.70 -22.18 15.36
N SER D 7 -10.50 -22.73 15.41
CA SER D 7 -10.31 -24.16 15.64
C SER D 7 -9.21 -24.33 16.68
N PRO D 8 -9.35 -25.32 17.58
CA PRO D 8 -10.39 -26.34 17.58
C PRO D 8 -11.65 -26.02 18.39
N SER D 9 -11.75 -24.81 18.93
CA SER D 9 -12.87 -24.39 19.79
C SER D 9 -12.81 -24.97 21.21
N SER D 10 -12.37 -26.22 21.33
CA SER D 10 -12.17 -26.83 22.62
C SER D 10 -10.83 -27.58 22.65
N LEU D 11 -10.03 -27.28 23.67
CA LEU D 11 -8.68 -27.78 23.71
C LEU D 11 -8.25 -28.10 25.13
N SER D 12 -7.44 -29.15 25.29
CA SER D 12 -6.96 -29.56 26.60
C SER D 12 -5.50 -29.99 26.49
N ALA D 13 -4.62 -29.25 27.16
CA ALA D 13 -3.20 -29.50 27.07
C ALA D 13 -2.54 -29.45 28.44
N SER D 14 -1.36 -30.08 28.54
CA SER D 14 -0.63 -30.18 29.79
C SER D 14 0.26 -28.96 30.00
N LEU D 15 0.80 -28.83 31.21
CA LEU D 15 1.70 -27.72 31.51
C LEU D 15 3.01 -27.85 30.74
N GLY D 16 3.59 -26.72 30.36
CA GLY D 16 4.86 -26.72 29.63
C GLY D 16 4.70 -27.06 28.16
N GLU D 17 3.53 -27.55 27.80
CA GLU D 17 3.23 -27.97 26.43
C GLU D 17 3.03 -26.75 25.51
N ARG D 18 3.38 -26.92 24.23
CA ARG D 18 3.24 -25.86 23.25
C ARG D 18 1.90 -26.00 22.53
N VAL D 19 1.15 -24.92 22.44
CA VAL D 19 -0.18 -24.96 21.83
C VAL D 19 -0.35 -23.91 20.75
N SER D 20 -1.35 -24.10 19.90
CA SER D 20 -1.64 -23.16 18.82
C SER D 20 -3.11 -23.12 18.45
N LEU D 21 -3.65 -21.91 18.30
CA LEU D 21 -5.05 -21.71 17.93
C LEU D 21 -5.10 -21.06 16.55
N THR D 22 -6.22 -21.26 15.84
CA THR D 22 -6.28 -20.81 14.45
C THR D 22 -7.56 -20.07 14.09
N CYS D 23 -7.40 -18.88 13.50
CA CYS D 23 -8.52 -18.13 12.93
C CYS D 23 -8.41 -18.08 11.42
N ARG D 24 -9.51 -18.38 10.75
CA ARG D 24 -9.56 -18.31 9.29
C ARG D 24 -10.65 -17.31 8.85
N ALA D 25 -10.22 -16.23 8.21
CA ALA D 25 -11.17 -15.20 7.77
C ALA D 25 -11.84 -15.59 6.46
N SER D 26 -13.13 -15.30 6.36
CA SER D 26 -13.88 -15.62 5.14
C SER D 26 -13.47 -14.69 3.99
N GLN D 27 -12.82 -13.59 4.33
CA GLN D 27 -12.31 -12.66 3.34
C GLN D 27 -10.92 -12.19 3.71
N GLU D 28 -10.31 -11.41 2.84
CA GLU D 28 -9.01 -10.82 3.13
C GLU D 28 -9.16 -9.82 4.28
N ILE D 29 -8.37 -10.00 5.34
CA ILE D 29 -8.39 -9.03 6.42
C ILE D 29 -7.04 -8.33 6.58
N SER D 30 -6.06 -8.76 5.80
CA SER D 30 -4.77 -8.08 5.68
C SER D 30 -4.08 -7.82 7.01
N GLY D 31 -4.06 -8.84 7.87
CA GLY D 31 -3.39 -8.73 9.15
C GLY D 31 -3.98 -7.72 10.12
N TYR D 32 -5.25 -7.37 9.94
CA TYR D 32 -5.96 -6.56 10.93
C TYR D 32 -6.68 -7.50 11.90
N LEU D 33 -5.91 -8.16 12.76
CA LEU D 33 -6.49 -9.16 13.65
C LEU D 33 -5.96 -9.05 15.08
N SER D 34 -6.86 -9.13 16.05
CA SER D 34 -6.43 -9.08 17.44
C SER D 34 -6.69 -10.42 18.13
N TRP D 35 -5.84 -10.74 19.10
CA TRP D 35 -6.07 -11.91 19.95
C TRP D 35 -6.46 -11.47 21.37
N LEU D 36 -7.56 -12.02 21.88
CA LEU D 36 -8.04 -11.65 23.21
C LEU D 36 -8.08 -12.85 24.14
N GLN D 37 -7.82 -12.61 25.42
CA GLN D 37 -7.92 -13.64 26.46
C GLN D 37 -8.99 -13.32 27.50
N GLN D 38 -9.96 -14.22 27.67
CA GLN D 38 -11.00 -14.03 28.69
C GLN D 38 -10.89 -15.07 29.79
N LYS D 39 -10.64 -14.62 31.01
CA LYS D 39 -10.59 -15.50 32.17
C LYS D 39 -12.00 -15.80 32.68
N PRO D 40 -12.17 -16.89 33.45
CA PRO D 40 -13.47 -17.28 34.00
C PRO D 40 -14.18 -16.19 34.78
N ASP D 41 -13.44 -15.27 35.39
CA ASP D 41 -14.05 -14.16 36.12
C ASP D 41 -14.68 -13.11 35.18
N GLY D 42 -14.44 -13.25 33.88
CA GLY D 42 -15.01 -12.36 32.89
C GLY D 42 -14.06 -11.30 32.38
N THR D 43 -12.85 -11.27 32.94
CA THR D 43 -11.83 -10.30 32.56
C THR D 43 -11.30 -10.54 31.15
N ILE D 44 -11.22 -9.47 30.37
CA ILE D 44 -10.72 -9.56 29.00
C ILE D 44 -9.42 -8.78 28.83
N LYS D 45 -8.41 -9.45 28.29
CA LYS D 45 -7.10 -8.84 28.06
C LYS D 45 -6.71 -8.93 26.59
N ARG D 46 -6.12 -7.86 26.06
CA ARG D 46 -5.58 -7.92 24.70
C ARG D 46 -4.20 -8.55 24.69
N LEU D 47 -4.02 -9.56 23.85
CA LEU D 47 -2.75 -10.28 23.75
C LEU D 47 -1.94 -9.82 22.56
N ILE D 48 -2.60 -9.71 21.40
CA ILE D 48 -1.93 -9.42 20.16
C ILE D 48 -2.71 -8.35 19.39
N TYR D 49 -1.98 -7.43 18.80
CA TYR D 49 -2.56 -6.49 17.86
C TYR D 49 -1.84 -6.52 16.54
N ALA D 50 -2.54 -6.12 15.50
CA ALA D 50 -2.03 -6.22 14.16
C ALA D 50 -1.35 -7.55 13.85
N ALA D 51 -2.06 -8.65 14.06
CA ALA D 51 -1.62 -10.00 13.67
C ALA D 51 -0.54 -10.67 14.52
N SER D 52 0.53 -9.94 14.82
CA SER D 52 1.76 -10.49 15.38
C SER D 52 2.52 -9.65 16.40
N THR D 53 2.02 -8.46 16.69
CA THR D 53 2.59 -7.52 17.66
C THR D 53 2.09 -7.80 19.07
N LEU D 54 3.02 -8.11 19.96
CA LEU D 54 2.72 -8.42 21.34
C LEU D 54 2.24 -7.19 22.10
N ASP D 55 1.16 -7.34 22.87
CA ASP D 55 0.76 -6.32 23.82
C ASP D 55 1.90 -6.20 24.83
N SER D 56 2.31 -4.98 25.13
CA SER D 56 3.51 -4.75 25.93
C SER D 56 3.43 -5.37 27.33
N SER D 57 2.22 -5.50 27.86
CA SER D 57 2.04 -6.05 29.19
C SER D 57 1.69 -7.54 29.13
N VAL D 58 2.18 -8.21 28.09
CA VAL D 58 1.89 -9.63 27.91
C VAL D 58 3.14 -10.47 27.73
N PRO D 59 3.26 -11.58 28.49
CA PRO D 59 4.37 -12.52 28.46
C PRO D 59 4.82 -12.88 27.06
N LYS D 60 6.13 -13.03 26.90
CA LYS D 60 6.71 -13.27 25.59
C LYS D 60 6.45 -14.67 25.06
N ARG D 61 5.83 -15.51 25.88
CA ARG D 61 5.49 -16.87 25.46
C ARG D 61 4.27 -16.86 24.55
N PHE D 62 3.60 -15.70 24.49
CA PHE D 62 2.50 -15.49 23.56
C PHE D 62 3.03 -14.84 22.28
N SER D 63 2.53 -15.31 21.15
CA SER D 63 2.88 -14.67 19.88
C SER D 63 1.85 -14.99 18.80
N GLY D 64 1.75 -14.07 17.83
CA GLY D 64 0.81 -14.22 16.72
C GLY D 64 1.54 -14.29 15.40
N SER D 65 0.90 -14.92 14.42
CA SER D 65 1.47 -15.06 13.08
C SER D 65 0.35 -15.11 12.04
N ARG D 66 0.62 -15.71 10.88
CA ARG D 66 -0.40 -15.81 9.84
C ARG D 66 0.10 -16.32 8.50
N SER D 67 -0.60 -17.31 7.95
CA SER D 67 -0.38 -17.81 6.60
C SER D 67 -1.70 -17.71 5.86
N GLY D 68 -1.87 -16.62 5.11
CA GLY D 68 -3.16 -16.27 4.54
C GLY D 68 -3.95 -17.43 3.97
N SER D 69 -5.22 -17.54 4.37
CA SER D 69 -5.82 -16.59 5.30
C SER D 69 -6.02 -17.21 6.68
N ASP D 70 -4.98 -17.87 7.20
CA ASP D 70 -5.03 -18.52 8.50
C ASP D 70 -4.16 -17.81 9.53
N TYR D 71 -4.80 -17.29 10.58
CA TYR D 71 -4.12 -16.56 11.64
C TYR D 71 -3.97 -17.43 12.89
N SER D 72 -2.80 -17.36 13.51
CA SER D 72 -2.53 -18.25 14.63
C SER D 72 -1.99 -17.58 15.88
N LEU D 73 -2.55 -17.99 17.01
CA LEU D 73 -2.05 -17.62 18.32
C LEU D 73 -1.33 -18.85 18.88
N THR D 74 -0.15 -18.64 19.39
CA THR D 74 0.63 -19.74 19.86
C THR D 74 1.14 -19.47 21.28
N ILE D 75 1.03 -20.45 22.15
CA ILE D 75 1.65 -20.35 23.45
C ILE D 75 2.76 -21.37 23.55
N SER D 76 3.94 -20.91 23.86
CA SER D 76 5.05 -21.83 23.91
C SER D 76 5.07 -22.64 25.20
N LEU D 78 3.27 -23.28 28.28
CA LEU D 78 1.93 -23.20 28.86
C LEU D 78 1.93 -23.06 30.35
N ASP D 79 1.07 -22.21 30.86
CA ASP D 79 1.00 -22.07 32.28
C ASP D 79 -0.35 -22.41 32.80
N SER D 80 -0.39 -22.59 34.10
CA SER D 80 -1.58 -22.99 34.77
C SER D 80 -2.48 -21.78 34.79
N GLU D 81 -1.88 -20.62 34.63
CA GLU D 81 -2.65 -19.39 34.58
C GLU D 81 -3.24 -19.14 33.19
N ASP D 82 -2.90 -19.99 32.22
CA ASP D 82 -3.28 -19.75 30.84
C ASP D 82 -4.61 -20.39 30.43
N PHE D 83 -5.30 -21.02 31.38
CA PHE D 83 -6.62 -21.56 31.07
C PHE D 83 -7.62 -20.41 30.91
N ALA D 84 -8.30 -20.38 29.78
CA ALA D 84 -9.16 -19.27 29.41
C ALA D 84 -9.84 -19.59 28.10
N VAL D 85 -10.73 -18.70 27.67
CA VAL D 85 -11.29 -18.78 26.33
C VAL D 85 -10.67 -17.67 25.48
N TYR D 86 -10.04 -18.07 24.37
CA TYR D 86 -9.34 -17.11 23.52
C TYR D 86 -10.15 -16.76 22.28
N TYR D 87 -10.20 -15.47 21.97
CA TYR D 87 -10.95 -15.00 20.82
C TYR D 87 -10.04 -14.29 19.84
N CYS D 88 -10.34 -14.44 18.56
CA CYS D 88 -9.70 -13.61 17.54
C CYS D 88 -10.68 -12.51 17.21
N LEU D 89 -10.16 -11.33 16.91
CA LEU D 89 -11.01 -10.20 16.57
C LEU D 89 -10.55 -9.58 15.27
N GLN D 90 -11.47 -9.50 14.32
CA GLN D 90 -11.20 -8.95 13.01
C GLN D 90 -11.58 -7.48 12.99
N TYR D 91 -10.67 -6.61 12.57
CA TYR D 91 -10.99 -5.20 12.41
C TYR D 91 -10.54 -4.57 11.09
N ALA D 92 -10.53 -5.38 10.03
CA ALA D 92 -10.23 -4.89 8.69
C ALA D 92 -11.38 -4.08 8.13
N SER D 93 -12.61 -4.55 8.35
CA SER D 93 -13.80 -3.85 7.87
C SER D 93 -14.99 -4.10 8.79
N TYR D 94 -16.01 -3.25 8.68
CA TYR D 94 -17.15 -3.29 9.58
C TYR D 94 -18.24 -4.21 9.03
N PRO D 95 -19.01 -4.84 9.93
CA PRO D 95 -18.88 -4.75 11.39
C PRO D 95 -17.73 -5.62 11.90
N TYR D 96 -17.17 -5.25 13.04
CA TYR D 96 -16.13 -6.06 13.67
C TYR D 96 -16.70 -7.43 14.00
N THR D 97 -15.90 -8.46 13.82
CA THR D 97 -16.35 -9.83 14.04
C THR D 97 -15.32 -10.66 14.80
N PHE D 98 -15.81 -11.40 15.80
CA PHE D 98 -14.98 -12.27 16.61
C PHE D 98 -15.03 -13.71 16.10
N GLY D 99 -13.99 -14.47 16.39
CA GLY D 99 -14.06 -15.91 16.20
C GLY D 99 -14.97 -16.53 17.25
N GLY D 100 -15.30 -17.81 17.08
CA GLY D 100 -16.19 -18.50 17.99
C GLY D 100 -15.61 -18.71 19.38
N GLY D 101 -14.28 -18.72 19.46
CA GLY D 101 -13.60 -18.87 20.74
C GLY D 101 -13.00 -20.25 20.92
N THR D 102 -11.85 -20.30 21.59
CA THR D 102 -11.25 -21.57 21.94
C THR D 102 -11.03 -21.69 23.45
N LYS D 103 -11.68 -22.68 24.05
CA LYS D 103 -11.49 -22.96 25.46
C LYS D 103 -10.24 -23.81 25.66
N VAL D 104 -9.25 -23.23 26.34
CA VAL D 104 -8.03 -23.94 26.68
C VAL D 104 -8.07 -24.44 28.12
N GLU D 105 -8.13 -25.75 28.32
CA GLU D 105 -8.13 -26.33 29.65
C GLU D 105 -6.80 -26.99 29.94
N ILE D 106 -6.37 -26.90 31.19
CA ILE D 106 -5.11 -27.52 31.61
C ILE D 106 -5.32 -29.01 31.89
N LYS D 107 -4.46 -29.84 31.29
CA LYS D 107 -4.43 -31.26 31.62
C LYS D 107 -3.59 -31.43 32.87
N ARG D 108 -4.11 -32.19 33.83
CA ARG D 108 -3.37 -32.52 35.04
C ARG D 108 -3.62 -33.99 35.36
N ALA D 109 -2.92 -34.49 36.37
CA ALA D 109 -3.16 -35.85 36.85
C ALA D 109 -4.56 -35.96 37.46
N ASP D 110 -5.17 -37.13 37.30
CA ASP D 110 -6.48 -37.39 37.89
C ASP D 110 -6.46 -37.18 39.40
N ALA D 111 -7.62 -36.89 39.96
CA ALA D 111 -7.75 -36.71 41.40
C ALA D 111 -9.16 -37.02 41.89
N ALA D 112 -9.24 -37.70 43.03
CA ALA D 112 -10.55 -37.99 43.62
C ALA D 112 -11.00 -36.78 44.40
N PRO D 113 -12.31 -36.50 44.38
CA PRO D 113 -12.86 -35.36 45.14
C PRO D 113 -12.78 -35.59 46.64
N THR D 114 -12.51 -34.53 47.39
CA THR D 114 -12.72 -34.55 48.83
C THR D 114 -14.20 -34.25 49.08
N VAL D 115 -14.91 -35.21 49.64
CA VAL D 115 -16.35 -35.06 49.82
C VAL D 115 -16.68 -34.65 51.26
N SER D 116 -17.58 -33.67 51.38
CA SER D 116 -18.03 -33.19 52.69
C SER D 116 -19.53 -32.97 52.67
N ILE D 117 -20.24 -33.52 53.66
CA ILE D 117 -21.69 -33.36 53.74
C ILE D 117 -22.08 -32.51 54.96
N PHE D 118 -23.16 -31.73 54.81
CA PHE D 118 -23.58 -30.80 55.85
C PHE D 118 -25.09 -30.83 56.04
N PRO D 119 -25.54 -30.92 57.30
CA PRO D 119 -26.97 -30.89 57.62
C PRO D 119 -27.51 -29.47 57.56
N PRO D 120 -28.83 -29.34 57.39
CA PRO D 120 -29.50 -28.02 57.48
C PRO D 120 -29.21 -27.36 58.81
N SER D 121 -29.09 -26.03 58.80
CA SER D 121 -28.92 -25.26 60.03
C SER D 121 -30.27 -25.05 60.72
N SER D 122 -30.21 -24.77 62.02
CA SER D 122 -31.41 -24.44 62.80
C SER D 122 -32.16 -23.27 62.17
N GLU D 123 -31.41 -22.26 61.75
CA GLU D 123 -31.99 -21.06 61.19
C GLU D 123 -32.85 -21.37 59.97
N GLN D 124 -32.39 -22.30 59.14
CA GLN D 124 -33.15 -22.63 57.94
C GLN D 124 -34.39 -23.44 58.30
N LEU D 125 -34.23 -24.40 59.19
CA LEU D 125 -35.34 -25.23 59.64
C LEU D 125 -36.46 -24.39 60.26
N THR D 126 -36.08 -23.41 61.07
CA THR D 126 -37.03 -22.48 61.68
C THR D 126 -37.89 -21.74 60.65
N SER D 127 -37.34 -21.55 59.44
CA SER D 127 -38.07 -20.89 58.37
C SER D 127 -38.75 -21.88 57.43
N GLY D 128 -38.83 -23.14 57.82
CA GLY D 128 -39.59 -24.12 57.08
C GLY D 128 -38.84 -24.80 55.95
N GLY D 129 -37.55 -24.51 55.82
CA GLY D 129 -36.74 -25.11 54.78
C GLY D 129 -35.62 -26.02 55.27
N ALA D 130 -35.17 -26.92 54.39
CA ALA D 130 -34.09 -27.84 54.73
C ALA D 130 -33.16 -28.10 53.53
N SER D 131 -31.99 -27.47 53.54
CA SER D 131 -31.01 -27.70 52.48
C SER D 131 -29.85 -28.54 52.96
N VAL D 132 -29.69 -29.73 52.38
CA VAL D 132 -28.52 -30.56 52.69
C VAL D 132 -27.46 -30.34 51.63
N VAL D 133 -26.25 -29.99 52.05
CA VAL D 133 -25.21 -29.59 51.13
C VAL D 133 -24.05 -30.59 51.07
N CYS D 134 -23.55 -30.83 49.87
CA CYS D 134 -22.40 -31.68 49.70
C CYS D 134 -21.34 -31.03 48.81
N PHE D 135 -20.11 -30.95 49.32
CA PHE D 135 -19.01 -30.41 48.54
C PHE D 135 -18.14 -31.51 47.97
N LEU D 136 -17.79 -31.38 46.70
CA LEU D 136 -16.85 -32.28 46.06
C LEU D 136 -15.66 -31.46 45.58
N ASN D 137 -14.61 -31.42 46.39
CA ASN D 137 -13.51 -30.49 46.14
C ASN D 137 -12.25 -31.10 45.52
N ASN D 138 -11.66 -30.34 44.60
CA ASN D 138 -10.34 -30.66 44.04
C ASN D 138 -10.25 -32.02 43.34
N PHE D 139 -11.03 -32.20 42.30
CA PHE D 139 -11.02 -33.43 41.52
C PHE D 139 -10.69 -33.17 40.06
N TYR D 140 -10.28 -34.21 39.35
CA TYR D 140 -9.99 -34.14 37.93
C TYR D 140 -10.10 -35.54 37.35
N PRO D 141 -10.72 -35.66 36.16
CA PRO D 141 -11.28 -34.61 35.31
C PRO D 141 -12.63 -34.06 35.78
N LYS D 142 -13.23 -33.17 34.98
CA LYS D 142 -14.42 -32.42 35.38
C LYS D 142 -15.68 -33.27 35.53
N ASP D 143 -15.80 -34.33 34.72
CA ASP D 143 -16.96 -35.21 34.78
C ASP D 143 -17.06 -35.95 36.11
N ILE D 144 -18.24 -35.89 36.73
CA ILE D 144 -18.45 -36.51 38.03
C ILE D 144 -19.94 -36.63 38.32
N ASN D 145 -20.32 -37.65 39.08
CA ASN D 145 -21.73 -37.84 39.45
C ASN D 145 -21.95 -37.79 40.94
N VAL D 146 -23.12 -37.28 41.33
CA VAL D 146 -23.53 -37.28 42.72
C VAL D 146 -24.86 -37.98 42.85
N LYS D 147 -24.96 -38.90 43.80
CA LYS D 147 -26.23 -39.51 44.12
C LYS D 147 -26.58 -39.20 45.57
N TRP D 148 -27.84 -38.85 45.80
CA TRP D 148 -28.33 -38.56 47.14
C TRP D 148 -29.22 -39.69 47.63
N LYS D 149 -29.09 -40.02 48.92
CA LYS D 149 -29.92 -41.04 49.52
C LYS D 149 -30.51 -40.55 50.84
N ILE D 150 -31.79 -40.84 51.04
CA ILE D 150 -32.48 -40.53 52.29
C ILE D 150 -32.96 -41.82 52.93
N ASP D 151 -32.49 -42.09 54.14
CA ASP D 151 -32.77 -43.35 54.82
C ASP D 151 -32.45 -44.58 53.95
N GLY D 152 -31.39 -44.48 53.15
CA GLY D 152 -30.95 -45.58 52.32
C GLY D 152 -31.59 -45.64 50.94
N SER D 153 -32.50 -44.71 50.67
CA SER D 153 -33.21 -44.67 49.39
C SER D 153 -32.78 -43.50 48.51
N GLU D 154 -32.52 -43.77 47.24
CA GLU D 154 -32.06 -42.74 46.32
C GLU D 154 -33.10 -41.64 46.13
N ARG D 155 -32.65 -40.39 46.21
CA ARG D 155 -33.51 -39.22 46.06
C ARG D 155 -33.12 -38.43 44.82
N GLN D 156 -34.07 -38.20 43.93
CA GLN D 156 -33.81 -37.51 42.66
C GLN D 156 -34.25 -36.04 42.63
N ASN D 157 -35.49 -35.80 43.02
CA ASN D 157 -36.04 -34.44 43.00
C ASN D 157 -35.43 -33.55 44.07
N GLY D 158 -35.21 -32.29 43.74
CA GLY D 158 -34.74 -31.29 44.69
C GLY D 158 -33.24 -31.04 44.72
N VAL D 159 -32.52 -31.68 43.80
CA VAL D 159 -31.06 -31.55 43.75
C VAL D 159 -30.62 -30.47 42.76
N LEU D 160 -29.73 -29.59 43.21
CA LEU D 160 -29.15 -28.57 42.34
C LEU D 160 -27.63 -28.59 42.43
N ASN D 161 -26.98 -28.59 41.27
CA ASN D 161 -25.53 -28.68 41.20
C ASN D 161 -24.85 -27.46 40.63
N SER D 162 -23.58 -27.26 41.00
CA SER D 162 -22.80 -26.14 40.51
C SER D 162 -21.31 -26.48 40.51
N TRP D 163 -20.67 -26.25 39.37
CA TRP D 163 -19.24 -26.51 39.21
C TRP D 163 -18.44 -25.22 39.21
N THR D 164 -17.28 -25.21 39.86
CA THR D 164 -16.33 -24.11 39.69
C THR D 164 -15.57 -24.34 38.38
N ASP D 165 -14.88 -23.33 37.89
CA ASP D 165 -13.98 -23.55 36.76
C ASP D 165 -12.65 -24.05 37.30
N GLN D 166 -11.76 -24.43 36.39
CA GLN D 166 -10.44 -24.96 36.74
C GLN D 166 -9.70 -24.04 37.72
N ASP D 167 -9.14 -24.62 38.77
CA ASP D 167 -8.42 -23.84 39.78
C ASP D 167 -7.15 -23.25 39.18
N SER D 168 -6.86 -21.99 39.52
CA SER D 168 -5.75 -21.26 38.93
C SER D 168 -4.39 -21.91 39.17
N LYS D 169 -4.09 -22.19 40.43
CA LYS D 169 -2.78 -22.72 40.80
C LYS D 169 -2.92 -24.12 41.39
N ASP D 170 -3.55 -25.03 40.64
CA ASP D 170 -3.88 -26.36 41.12
C ASP D 170 -4.54 -27.18 40.01
N SER D 171 -5.29 -26.49 39.15
CA SER D 171 -5.89 -27.06 37.93
C SER D 171 -7.01 -28.08 38.16
N THR D 172 -7.48 -28.24 39.38
CA THR D 172 -8.57 -29.17 39.62
C THR D 172 -9.92 -28.46 39.51
N TYR D 173 -10.99 -29.24 39.59
CA TYR D 173 -12.34 -28.70 39.61
C TYR D 173 -12.98 -28.92 40.98
N SER D 174 -14.07 -28.22 41.24
CA SER D 174 -14.83 -28.41 42.47
C SER D 174 -16.30 -28.24 42.16
N MET D 175 -17.13 -28.86 42.99
CA MET D 175 -18.55 -28.86 42.73
C MET D 175 -19.35 -28.91 44.03
N SER D 176 -20.46 -28.17 44.05
CA SER D 176 -21.35 -28.16 45.19
C SER D 176 -22.69 -28.76 44.81
N SER D 177 -23.20 -29.65 45.65
CA SER D 177 -24.49 -30.27 45.39
C SER D 177 -25.44 -30.01 46.55
N THR D 178 -26.64 -29.56 46.23
CA THR D 178 -27.60 -29.20 47.27
C THR D 178 -28.92 -29.92 47.08
N LEU D 179 -29.28 -30.74 48.07
CA LEU D 179 -30.60 -31.37 48.11
C LEU D 179 -31.51 -30.54 49.00
N THR D 180 -32.57 -29.99 48.42
CA THR D 180 -33.51 -29.18 49.19
C THR D 180 -34.84 -29.89 49.45
N LEU D 181 -35.23 -29.92 50.71
CA LEU D 181 -36.48 -30.54 51.15
C LEU D 181 -37.20 -29.52 52.02
N THR D 182 -38.50 -29.72 52.24
CA THR D 182 -39.19 -28.95 53.26
C THR D 182 -38.68 -29.42 54.61
N LYS D 183 -38.78 -28.57 55.63
CA LYS D 183 -38.43 -28.94 56.98
C LYS D 183 -39.27 -30.14 57.41
N ASP D 184 -40.55 -30.10 57.07
CA ASP D 184 -41.46 -31.18 57.42
C ASP D 184 -41.00 -32.56 56.94
N GLU D 185 -40.65 -32.66 55.66
CA GLU D 185 -40.22 -33.95 55.13
C GLU D 185 -38.82 -34.33 55.62
N TYR D 186 -37.98 -33.33 55.83
CA TYR D 186 -36.64 -33.55 56.36
C TYR D 186 -36.68 -34.25 57.72
N GLU D 187 -37.66 -33.90 58.54
CA GLU D 187 -37.76 -34.41 59.91
C GLU D 187 -38.47 -35.76 60.00
N ARG D 188 -38.92 -36.27 58.87
CA ARG D 188 -39.53 -37.59 58.81
C ARG D 188 -38.47 -38.67 58.60
N HIS D 189 -37.21 -38.24 58.49
CA HIS D 189 -36.12 -39.16 58.21
C HIS D 189 -34.93 -38.90 59.12
N ASN D 190 -33.99 -39.83 59.16
CA ASN D 190 -32.87 -39.73 60.09
C ASN D 190 -31.49 -39.70 59.43
N SER D 191 -31.31 -40.48 58.37
CA SER D 191 -30.02 -40.55 57.73
C SER D 191 -30.04 -39.92 56.36
N TYR D 192 -28.98 -39.16 56.05
CA TYR D 192 -28.84 -38.50 54.77
C TYR D 192 -27.45 -38.79 54.21
N THR D 193 -27.39 -39.18 52.94
CA THR D 193 -26.15 -39.66 52.34
C THR D 193 -25.83 -38.99 51.02
N CYS D 194 -24.54 -38.73 50.82
CA CYS D 194 -24.03 -38.10 49.61
C CYS D 194 -22.98 -39.01 48.95
N GLU D 195 -23.26 -39.46 47.73
CA GLU D 195 -22.36 -40.38 47.03
C GLU D 195 -21.72 -39.76 45.80
N ALA D 196 -20.41 -39.91 45.66
CA ALA D 196 -19.72 -39.38 44.49
C ALA D 196 -19.16 -40.50 43.62
N THR D 197 -19.38 -40.37 42.32
CA THR D 197 -18.85 -41.31 41.33
C THR D 197 -18.02 -40.58 40.28
N HIS D 198 -16.77 -41.01 40.13
CA HIS D 198 -15.79 -40.32 39.31
C HIS D 198 -15.47 -41.08 38.05
N SER D 203 -16.26 -48.53 44.22
CA SER D 203 -16.33 -47.37 43.33
C SER D 203 -16.82 -46.05 43.94
N PRO D 204 -17.97 -46.05 44.65
CA PRO D 204 -18.48 -44.76 45.13
C PRO D 204 -17.71 -44.22 46.34
N ILE D 205 -17.73 -42.90 46.52
CA ILE D 205 -17.21 -42.27 47.72
C ILE D 205 -18.38 -41.70 48.49
N VAL D 206 -18.62 -42.20 49.69
CA VAL D 206 -19.81 -41.81 50.42
C VAL D 206 -19.52 -41.00 51.69
N LYS D 207 -20.39 -40.03 51.95
CA LYS D 207 -20.39 -39.28 53.20
C LYS D 207 -21.82 -39.18 53.66
N SER D 208 -22.05 -39.30 54.97
CA SER D 208 -23.39 -39.20 55.51
C SER D 208 -23.44 -38.63 56.93
N PHE D 209 -24.64 -38.33 57.39
CA PHE D 209 -24.85 -37.93 58.76
C PHE D 209 -26.20 -38.45 59.27
N ASN D 210 -26.35 -38.52 60.58
CA ASN D 210 -27.63 -38.87 61.18
C ASN D 210 -28.17 -37.68 61.95
N ARG D 211 -29.48 -37.54 61.95
CA ARG D 211 -30.12 -36.45 62.68
C ARG D 211 -30.11 -36.72 64.18
N ASN D 212 -29.99 -37.99 64.56
CA ASN D 212 -30.10 -38.38 65.96
C ASN D 212 -28.79 -38.38 66.73
N GLU D 213 -27.66 -38.47 66.02
CA GLU D 213 -26.38 -38.56 66.69
C GLU D 213 -25.22 -38.15 65.79
N CYS D 214 -24.07 -37.91 66.42
CA CYS D 214 -22.85 -37.50 65.73
C CYS D 214 -22.31 -38.60 64.81
N CYS E 25 -4.99 33.88 0.87
CA CYS E 25 -4.09 32.82 1.32
C CYS E 25 -4.68 31.44 1.02
N SER E 26 -4.98 31.19 -0.24
CA SER E 26 -5.55 29.92 -0.65
C SER E 26 -4.82 29.39 -1.87
N MET E 27 -3.50 29.24 -1.74
CA MET E 27 -2.67 28.74 -2.83
C MET E 27 -2.40 27.25 -2.67
N PRO E 28 -2.47 26.49 -3.77
CA PRO E 28 -2.09 25.07 -3.78
C PRO E 28 -0.70 24.88 -3.18
N LEU E 29 -0.53 23.87 -2.31
CA LEU E 29 0.74 23.66 -1.64
C LEU E 29 1.66 22.72 -2.41
N GLY E 30 1.12 22.06 -3.43
CA GLY E 30 1.95 21.27 -4.32
C GLY E 30 1.51 19.84 -4.54
N MET E 31 0.25 19.53 -4.27
CA MET E 31 -0.23 18.17 -4.48
C MET E 31 -0.37 17.91 -5.97
N GLU E 32 -1.07 18.79 -6.66
CA GLU E 32 -1.23 18.65 -8.10
C GLU E 32 0.07 18.93 -8.87
N SER E 33 0.77 20.01 -8.49
CA SER E 33 1.96 20.44 -9.21
C SER E 33 3.15 19.52 -8.97
N LYS E 34 3.04 18.71 -7.92
CA LYS E 34 4.10 17.84 -7.43
C LYS E 34 5.25 18.60 -6.75
N ALA E 35 5.02 19.86 -6.42
CA ALA E 35 5.92 20.58 -5.50
C ALA E 35 6.00 19.85 -4.15
N ILE E 36 4.92 19.18 -3.76
CA ILE E 36 4.97 18.22 -2.67
C ILE E 36 5.35 16.86 -3.26
N SER E 37 6.57 16.41 -2.96
CA SER E 37 7.09 15.20 -3.60
C SER E 37 6.37 13.93 -3.14
N ASP E 38 6.57 12.85 -3.89
CA ASP E 38 6.00 11.56 -3.56
C ASP E 38 6.37 11.09 -2.15
N ALA E 39 7.62 11.33 -1.77
CA ALA E 39 8.13 10.87 -0.48
C ALA E 39 7.50 11.58 0.71
N GLN E 40 6.82 12.69 0.45
CA GLN E 40 6.18 13.46 1.50
C GLN E 40 4.78 12.95 1.81
N ILE E 41 4.24 12.15 0.89
CA ILE E 41 2.89 11.63 1.00
C ILE E 41 2.92 10.17 1.43
N THR E 42 2.32 9.89 2.58
CA THR E 42 2.28 8.53 3.09
C THR E 42 0.86 8.19 3.50
N ALA E 43 0.64 6.93 3.89
CA ALA E 43 -0.68 6.51 4.34
C ALA E 43 -0.60 5.35 5.33
N SER E 44 -1.74 5.04 5.95
CA SER E 44 -1.85 3.91 6.86
C SER E 44 -1.57 2.62 6.09
N SER E 45 -2.09 2.56 4.87
CA SER E 45 -1.84 1.43 3.99
C SER E 45 -2.27 1.83 2.58
N TYR E 46 -1.99 0.97 1.60
CA TYR E 46 -2.51 1.20 0.26
C TYR E 46 -2.81 -0.10 -0.47
N PHE E 47 -3.70 -0.03 -1.45
CA PHE E 47 -4.14 -1.21 -2.18
C PHE E 47 -3.20 -1.56 -3.33
N THR E 48 -2.64 -2.76 -3.28
CA THR E 48 -1.76 -3.22 -4.33
C THR E 48 -2.06 -4.67 -4.72
N ASN E 49 -2.08 -4.92 -6.02
CA ASN E 49 -2.20 -6.28 -6.54
C ASN E 49 -1.44 -6.47 -7.84
N MET E 50 -1.74 -7.57 -8.53
CA MET E 50 -1.04 -7.93 -9.76
C MET E 50 -1.13 -6.85 -10.83
N PHE E 51 -2.25 -6.12 -10.84
CA PHE E 51 -2.54 -5.20 -11.93
C PHE E 51 -2.47 -3.72 -11.53
N ALA E 52 -2.70 -3.42 -10.26
CA ALA E 52 -2.82 -2.02 -9.84
C ALA E 52 -2.14 -1.71 -8.50
N THR E 53 -1.53 -0.53 -8.44
CA THR E 53 -0.94 -0.02 -7.21
C THR E 53 -1.49 1.37 -6.91
N TRP E 54 -2.43 1.45 -5.97
CA TRP E 54 -3.10 2.70 -5.64
C TRP E 54 -2.36 3.46 -4.56
N SER E 55 -1.06 3.68 -4.80
CA SER E 55 -0.15 4.24 -3.81
C SER E 55 -0.60 5.61 -3.28
N PRO E 56 -0.21 5.94 -2.04
CA PRO E 56 -0.53 7.24 -1.44
C PRO E 56 -0.11 8.46 -2.27
N SER E 57 0.97 8.36 -3.04
CA SER E 57 1.47 9.52 -3.79
C SER E 57 0.62 9.80 -5.02
N LYS E 58 -0.36 8.96 -5.27
CA LYS E 58 -1.29 9.18 -6.38
C LYS E 58 -2.53 9.94 -5.94
N ALA E 59 -2.51 10.47 -4.72
CA ALA E 59 -3.63 11.20 -4.15
C ALA E 59 -3.59 12.69 -4.51
N ARG E 60 -3.17 12.96 -5.74
CA ARG E 60 -2.97 14.31 -6.21
C ARG E 60 -4.17 14.72 -7.05
N LEU E 61 -4.72 15.90 -6.76
CA LEU E 61 -5.90 16.39 -7.45
C LEU E 61 -5.76 16.33 -8.98
N HIS E 62 -6.81 15.83 -9.62
CA HIS E 62 -6.92 15.78 -11.09
C HIS E 62 -5.94 14.83 -11.77
N LEU E 63 -5.23 14.03 -10.99
CA LEU E 63 -4.24 13.08 -11.52
C LEU E 63 -4.83 12.19 -12.61
N GLN E 64 -4.04 11.92 -13.64
CA GLN E 64 -4.49 11.10 -14.75
C GLN E 64 -3.81 9.74 -14.77
N GLY E 65 -4.11 8.93 -15.78
CA GLY E 65 -3.52 7.63 -15.92
C GLY E 65 -4.34 6.55 -15.24
N ARG E 66 -3.75 5.36 -15.14
CA ARG E 66 -4.42 4.24 -14.50
C ARG E 66 -4.16 4.25 -13.01
N SER E 67 -5.09 3.66 -12.25
CA SER E 67 -5.02 3.62 -10.79
C SER E 67 -4.73 4.99 -10.22
N ASN E 68 -5.44 6.00 -10.74
CA ASN E 68 -5.08 7.38 -10.49
C ASN E 68 -5.63 7.94 -9.20
N ALA E 69 -5.31 7.28 -8.08
CA ALA E 69 -5.77 7.70 -6.75
C ALA E 69 -5.16 6.84 -5.64
N TRP E 70 -5.21 7.36 -4.42
CA TRP E 70 -4.87 6.53 -3.26
C TRP E 70 -6.09 5.73 -2.82
N ARG E 71 -5.84 4.48 -2.46
CA ARG E 71 -6.84 3.63 -1.82
C ARG E 71 -6.14 2.87 -0.72
N PRO E 72 -6.75 2.82 0.48
CA PRO E 72 -6.12 2.03 1.56
C PRO E 72 -6.28 0.55 1.28
N GLN E 73 -5.52 -0.27 1.98
CA GLN E 73 -5.59 -1.72 1.81
C GLN E 73 -6.97 -2.27 2.16
N VAL E 74 -7.63 -1.64 3.13
CA VAL E 74 -8.97 -2.05 3.56
C VAL E 74 -9.85 -0.82 3.75
N ASN E 75 -11.17 -1.03 3.68
CA ASN E 75 -12.11 0.07 3.89
C ASN E 75 -12.66 0.14 5.31
N ASN E 76 -12.03 0.96 6.16
CA ASN E 76 -12.57 1.27 7.48
C ASN E 76 -12.34 2.74 7.85
N PRO E 77 -13.05 3.23 8.89
CA PRO E 77 -12.88 4.64 9.29
C PRO E 77 -11.54 4.98 9.94
N LYS E 78 -10.63 4.02 10.07
CA LYS E 78 -9.37 4.28 10.77
C LYS E 78 -8.18 4.43 9.83
N GLU E 79 -8.44 4.39 8.53
CA GLU E 79 -7.38 4.57 7.53
C GLU E 79 -7.11 6.05 7.32
N TRP E 80 -5.86 6.39 6.99
CA TRP E 80 -5.49 7.79 6.83
C TRP E 80 -4.45 8.03 5.74
N LEU E 81 -4.48 9.21 5.14
CA LEU E 81 -3.46 9.65 4.18
C LEU E 81 -2.71 10.80 4.81
N GLN E 82 -1.38 10.76 4.72
CA GLN E 82 -0.54 11.74 5.40
C GLN E 82 0.26 12.61 4.43
N VAL E 83 0.32 13.90 4.70
CA VAL E 83 1.18 14.79 3.93
C VAL E 83 2.17 15.48 4.86
N ASP E 84 3.45 15.31 4.56
CA ASP E 84 4.52 16.00 5.30
C ASP E 84 5.01 17.19 4.49
N PHE E 85 4.71 18.39 4.96
CA PHE E 85 5.14 19.62 4.29
C PHE E 85 6.62 19.90 4.50
N GLN E 86 7.22 19.18 5.45
CA GLN E 86 8.62 19.33 5.80
C GLN E 86 8.95 20.74 6.30
N LYS E 87 7.90 21.46 6.69
CA LYS E 87 7.99 22.87 7.01
C LYS E 87 6.61 23.30 7.47
N THR E 88 6.56 24.09 8.53
CA THR E 88 5.28 24.57 9.04
C THR E 88 4.58 25.45 7.99
N MET E 89 3.35 25.07 7.63
CA MET E 89 2.58 25.81 6.66
C MET E 89 1.29 26.29 7.30
N LYS E 90 0.63 27.27 6.69
CA LYS E 90 -0.65 27.74 7.16
C LYS E 90 -1.75 27.16 6.28
N VAL E 91 -2.42 26.12 6.77
CA VAL E 91 -3.43 25.45 5.98
C VAL E 91 -4.81 26.08 6.21
N THR E 92 -5.37 26.64 5.15
CA THR E 92 -6.64 27.33 5.23
C THR E 92 -7.75 26.56 4.53
N GLY E 93 -7.41 25.40 3.97
CA GLY E 93 -8.41 24.58 3.31
C GLY E 93 -7.84 23.36 2.62
N VAL E 94 -8.70 22.37 2.42
CA VAL E 94 -8.33 21.21 1.63
C VAL E 94 -9.37 20.99 0.54
N THR E 95 -8.91 20.45 -0.59
CA THR E 95 -9.80 20.11 -1.69
C THR E 95 -9.72 18.61 -1.90
N THR E 96 -10.87 17.96 -2.05
CA THR E 96 -10.89 16.51 -2.18
C THR E 96 -11.64 16.05 -3.42
N GLN E 97 -11.31 14.86 -3.88
CA GLN E 97 -11.86 14.30 -5.10
C GLN E 97 -11.88 12.79 -4.97
N GLY E 98 -12.82 12.15 -5.65
CA GLY E 98 -12.82 10.70 -5.75
C GLY E 98 -12.13 10.28 -7.03
N VAL E 99 -12.51 9.11 -7.54
CA VAL E 99 -11.99 8.61 -8.79
C VAL E 99 -12.91 7.52 -9.31
N LYS E 100 -12.89 7.28 -10.61
CA LYS E 100 -13.75 6.29 -11.23
C LYS E 100 -12.93 5.19 -11.88
N SER E 101 -12.90 4.02 -11.26
CA SER E 101 -12.28 2.85 -11.86
C SER E 101 -13.35 2.08 -12.62
N LEU E 102 -13.24 2.06 -13.94
CA LEU E 102 -14.21 1.39 -14.80
C LEU E 102 -15.63 1.88 -14.50
N LEU E 103 -16.50 0.92 -14.19
CA LEU E 103 -17.90 1.20 -13.89
C LEU E 103 -18.13 1.58 -12.42
N THR E 104 -17.09 1.48 -11.60
CA THR E 104 -17.23 1.80 -10.18
C THR E 104 -16.65 3.16 -9.78
N SER E 105 -17.53 4.07 -9.40
CA SER E 105 -17.11 5.35 -8.86
C SER E 105 -16.81 5.22 -7.37
N MET E 106 -15.66 5.75 -6.95
CA MET E 106 -15.22 5.62 -5.57
C MET E 106 -14.87 6.97 -4.99
N TYR E 107 -15.44 7.31 -3.83
CA TYR E 107 -15.15 8.57 -3.17
C TYR E 107 -15.59 8.58 -1.71
N VAL E 108 -14.98 9.47 -0.93
CA VAL E 108 -15.34 9.62 0.48
C VAL E 108 -16.31 10.78 0.71
N LYS E 109 -17.35 10.50 1.50
CA LYS E 109 -18.42 11.46 1.76
C LYS E 109 -18.10 12.37 2.95
N GLU E 110 -17.38 11.83 3.92
CA GLU E 110 -17.06 12.56 5.15
C GLU E 110 -15.67 12.19 5.63
N PHE E 111 -15.01 13.13 6.29
CA PHE E 111 -13.68 12.86 6.83
C PHE E 111 -13.32 13.74 8.03
N LEU E 112 -12.40 13.24 8.84
CA LEU E 112 -11.79 14.04 9.90
C LEU E 112 -10.42 14.55 9.44
N ILE E 113 -9.87 15.51 10.17
CA ILE E 113 -8.56 16.05 9.87
C ILE E 113 -7.76 16.20 11.15
N SER E 114 -6.54 15.68 11.15
CA SER E 114 -5.65 15.84 12.28
C SER E 114 -4.31 16.43 11.82
N SER E 115 -3.54 16.94 12.77
CA SER E 115 -2.27 17.57 12.44
C SER E 115 -1.20 17.21 13.47
N SER E 116 0.05 17.49 13.14
CA SER E 116 1.17 17.20 14.01
C SER E 116 2.36 18.07 13.65
N GLN E 117 3.24 18.33 14.61
CA GLN E 117 4.45 19.09 14.33
C GLN E 117 5.66 18.15 14.25
N ASP E 118 5.63 17.07 15.02
CA ASP E 118 6.73 16.13 15.04
C ASP E 118 6.41 14.87 14.23
N GLY E 119 5.14 14.71 13.87
CA GLY E 119 4.70 13.57 13.10
C GLY E 119 4.45 12.33 13.93
N HIS E 120 4.44 12.49 15.26
CA HIS E 120 4.19 11.35 16.14
C HIS E 120 2.98 11.59 17.06
N GLN E 121 2.87 12.80 17.59
CA GLN E 121 1.71 13.18 18.40
C GLN E 121 0.70 13.90 17.53
N TRP E 122 -0.54 13.39 17.52
CA TRP E 122 -1.55 13.90 16.60
C TRP E 122 -2.73 14.52 17.32
N THR E 123 -3.34 15.52 16.68
CA THR E 123 -4.46 16.24 17.27
C THR E 123 -5.53 16.49 16.23
N LEU E 124 -6.74 16.01 16.51
CA LEU E 124 -7.88 16.23 15.63
C LEU E 124 -8.20 17.72 15.50
N PHE E 125 -8.77 18.10 14.36
CA PHE E 125 -9.16 19.48 14.15
C PHE E 125 -10.51 19.75 14.79
N PHE E 126 -10.49 20.46 15.91
CA PHE E 126 -11.71 20.83 16.62
C PHE E 126 -12.28 22.11 16.04
N GLN E 127 -13.60 22.24 16.11
CA GLN E 127 -14.27 23.48 15.75
C GLN E 127 -15.47 23.67 16.68
N ASN E 128 -15.48 24.79 17.40
CA ASN E 128 -16.52 25.08 18.39
C ASN E 128 -16.61 24.02 19.48
N GLY E 129 -15.45 23.64 20.01
CA GLY E 129 -15.37 22.68 21.10
C GLY E 129 -15.67 21.24 20.70
N LYS E 130 -15.88 21.00 19.41
CA LYS E 130 -16.24 19.68 18.93
C LYS E 130 -15.41 19.28 17.70
N VAL E 131 -14.98 18.01 17.66
CA VAL E 131 -14.19 17.48 16.55
C VAL E 131 -14.98 17.59 15.24
N LYS E 132 -14.42 18.32 14.27
CA LYS E 132 -15.15 18.59 13.04
C LYS E 132 -15.23 17.39 12.10
N VAL E 133 -16.43 17.11 11.62
CA VAL E 133 -16.64 16.13 10.56
C VAL E 133 -16.94 16.85 9.24
N PHE E 134 -15.94 16.95 8.37
CA PHE E 134 -16.08 17.66 7.10
C PHE E 134 -16.95 16.89 6.13
N GLN E 135 -17.68 17.60 5.28
CA GLN E 135 -18.49 16.97 4.24
C GLN E 135 -17.72 16.93 2.91
N GLY E 136 -17.38 15.72 2.47
CA GLY E 136 -16.56 15.54 1.29
C GLY E 136 -17.32 15.55 -0.03
N ASN E 137 -17.14 14.48 -0.80
CA ASN E 137 -17.62 14.44 -2.17
C ASN E 137 -18.97 13.75 -2.36
N GLN E 138 -19.59 14.01 -3.51
CA GLN E 138 -20.85 13.38 -3.87
C GLN E 138 -20.73 12.62 -5.18
N ASP E 139 -19.55 12.72 -5.80
CA ASP E 139 -19.25 11.96 -7.01
C ASP E 139 -17.75 11.68 -7.15
N SER E 140 -17.36 11.09 -8.27
CA SER E 140 -15.97 10.69 -8.46
C SER E 140 -15.08 11.71 -9.16
N PHE E 141 -15.64 12.83 -9.61
CA PHE E 141 -14.90 13.75 -10.48
C PHE E 141 -14.88 15.21 -10.03
N THR E 142 -15.93 15.65 -9.34
CA THR E 142 -16.02 17.03 -8.89
C THR E 142 -15.22 17.28 -7.64
N PRO E 143 -14.19 18.13 -7.73
CA PRO E 143 -13.48 18.50 -6.50
C PRO E 143 -14.41 19.27 -5.56
N VAL E 144 -14.24 19.06 -4.26
CA VAL E 144 -15.00 19.79 -3.26
C VAL E 144 -14.03 20.49 -2.32
N VAL E 145 -14.17 21.80 -2.19
CA VAL E 145 -13.26 22.57 -1.36
C VAL E 145 -13.82 22.78 0.04
N ASN E 146 -13.20 22.15 1.03
CA ASN E 146 -13.57 22.37 2.41
C ASN E 146 -12.67 23.38 3.10
N SER E 147 -13.28 24.35 3.76
CA SER E 147 -12.56 25.41 4.43
C SER E 147 -12.10 25.00 5.82
N LEU E 148 -10.89 25.41 6.20
CA LEU E 148 -10.35 25.11 7.51
C LEU E 148 -10.29 26.37 8.36
N ASP E 149 -11.40 26.67 9.02
CA ASP E 149 -11.49 27.86 9.88
C ASP E 149 -11.69 27.44 11.33
N PRO E 150 -10.76 27.82 12.22
CA PRO E 150 -9.59 28.68 11.97
C PRO E 150 -8.47 27.97 11.21
N PRO E 151 -7.70 28.72 10.41
CA PRO E 151 -6.56 28.21 9.64
C PRO E 151 -5.60 27.36 10.48
N LEU E 152 -4.99 26.35 9.87
CA LEU E 152 -4.17 25.40 10.59
C LEU E 152 -2.69 25.67 10.42
N LEU E 153 -1.98 25.81 11.51
CA LEU E 153 -0.53 25.94 11.51
C LEU E 153 0.08 24.59 11.82
N THR E 154 0.66 23.94 10.82
CA THR E 154 1.16 22.59 11.02
C THR E 154 2.18 22.19 9.97
N ARG E 155 3.05 21.24 10.33
CA ARG E 155 3.97 20.65 9.36
C ARG E 155 3.35 19.41 8.75
N TYR E 156 2.64 18.63 9.57
CA TYR E 156 2.01 17.42 9.11
C TYR E 156 0.50 17.55 9.05
N LEU E 157 -0.11 16.86 8.09
CA LEU E 157 -1.55 16.88 7.93
C LEU E 157 -2.01 15.45 7.68
N ARG E 158 -3.16 15.09 8.25
CA ARG E 158 -3.74 13.78 7.99
C ARG E 158 -5.22 13.90 7.70
N ILE E 159 -5.69 13.10 6.74
CA ILE E 159 -7.11 13.07 6.42
C ILE E 159 -7.66 11.66 6.67
N HIS E 160 -8.78 11.60 7.39
CA HIS E 160 -9.32 10.33 7.88
C HIS E 160 -10.72 10.07 7.37
N PRO E 161 -10.84 9.33 6.25
CA PRO E 161 -12.14 8.99 5.68
C PRO E 161 -13.08 8.31 6.68
N GLN E 162 -14.26 8.89 6.88
CA GLN E 162 -15.21 8.39 7.86
C GLN E 162 -16.37 7.61 7.22
N SER E 163 -16.74 8.01 6.00
CA SER E 163 -17.78 7.32 5.25
C SER E 163 -17.48 7.45 3.76
N TRP E 164 -17.94 6.51 2.97
CA TRP E 164 -17.54 6.47 1.56
C TRP E 164 -18.54 5.74 0.68
N VAL E 165 -18.37 5.91 -0.63
CA VAL E 165 -19.19 5.19 -1.61
C VAL E 165 -18.36 4.15 -2.36
N HIS E 166 -18.81 2.90 -2.29
CA HIS E 166 -18.13 1.79 -2.93
C HIS E 166 -16.83 1.45 -2.26
N GLN E 167 -15.83 2.32 -2.46
CA GLN E 167 -14.49 2.12 -1.94
C GLN E 167 -13.94 3.46 -1.48
N ILE E 168 -13.01 3.43 -0.53
CA ILE E 168 -12.27 4.63 -0.17
C ILE E 168 -11.24 4.92 -1.26
N ALA E 169 -11.40 6.07 -1.92
CA ALA E 169 -10.47 6.50 -2.96
C ALA E 169 -10.30 8.01 -2.86
N LEU E 170 -9.08 8.49 -3.01
CA LEU E 170 -8.80 9.89 -2.73
C LEU E 170 -7.74 10.54 -3.61
N ARG E 171 -8.12 11.66 -4.21
CA ARG E 171 -7.17 12.62 -4.77
C ARG E 171 -7.43 13.93 -4.05
N MET E 172 -6.38 14.64 -3.65
CA MET E 172 -6.58 15.87 -2.89
C MET E 172 -5.64 17.01 -3.23
N GLU E 173 -5.92 18.17 -2.63
CA GLU E 173 -5.05 19.33 -2.70
C GLU E 173 -5.14 20.07 -1.36
N VAL E 174 -4.01 20.62 -0.93
CA VAL E 174 -3.97 21.42 0.29
C VAL E 174 -3.84 22.88 -0.11
N LEU E 175 -4.63 23.73 0.54
CA LEU E 175 -4.67 25.15 0.23
C LEU E 175 -4.15 25.97 1.39
N GLY E 176 -3.37 27.00 1.09
CA GLY E 176 -2.84 27.86 2.13
C GLY E 176 -1.62 28.66 1.74
N CYS E 177 -0.69 28.80 2.68
CA CYS E 177 0.52 29.58 2.49
C CYS E 177 1.48 29.24 3.63
N GLU E 178 2.55 30.01 3.77
CA GLU E 178 3.57 29.67 4.76
C GLU E 178 3.51 30.58 5.99
#